data_3QQP
#
_entry.id   3QQP
#
_cell.length_a   56.927
_cell.length_b   153.385
_cell.length_c   74.179
_cell.angle_alpha   90.000
_cell.angle_beta   93.460
_cell.angle_gamma   90.000
#
_symmetry.space_group_name_H-M   'P 1 21 1'
#
loop_
_entity.id
_entity.type
_entity.pdbx_description
1 polymer 'Corticosteroid 11-beta-dehydrogenase isozyme 1'
2 non-polymer 3,4-dihydroquinolin-1(2H)-yl[4-(1H-imidazol-5-yl)piperidin-1-yl]methanone
3 non-polymer 'NADPH DIHYDRO-NICOTINAMIDE-ADENINE-DINUCLEOTIDE PHOSPHATE'
4 water water
#
_entity_poly.entity_id   1
_entity_poly.type   'polypeptide(L)'
_entity_poly.pdbx_seq_one_letter_code
;MKHQHQHQHQHQHQQPLNEEFRPEMLQGKKVIVTGASKGIGREMAYHLAKMGAHVVVTARSKETLQKVVSHCLELGAASA
HYIAGTMEDMTFAEQFVAQAGKLMGGLDMLILNHITNTSLNLFHDDIHHVRKSMEVNFLSYVVLTVAALPMLKQSNGSIV
VVSSLAGKVAYPMVAAYSASKFALDGFFSSIRKEYSVSRVNVSITLCVLGLIDTETAMKAVSGIVHMQAAPKEECALEII
KGGALRQEEVYYDSSLWTTLLIRNPSRKILEFLYSTSYNMDRFINK
;
_entity_poly.pdbx_strand_id   A,B,C,D
#
loop_
_chem_comp.id
_chem_comp.type
_chem_comp.name
_chem_comp.formula
NDP non-polymer 'NADPH DIHYDRO-NICOTINAMIDE-ADENINE-DINUCLEOTIDE PHOSPHATE' 'C21 H30 N7 O17 P3'
S05 non-polymer 3,4-dihydroquinolin-1(2H)-yl[4-(1H-imidazol-5-yl)piperidin-1-yl]methanone 'C18 H22 N4 O'
#
# COMPACT_ATOMS: atom_id res chain seq x y z
N GLN A 14 -6.70 5.63 19.48
CA GLN A 14 -6.55 5.18 20.87
C GLN A 14 -5.39 4.19 21.08
N GLN A 15 -4.83 4.18 22.31
CA GLN A 15 -3.77 3.27 22.73
C GLN A 15 -4.41 2.05 23.45
N PRO A 16 -4.23 0.82 22.93
CA PRO A 16 -4.88 -0.35 23.55
C PRO A 16 -4.21 -0.90 24.83
N LEU A 17 -4.59 -2.14 25.21
CA LEU A 17 -4.07 -2.85 26.38
C LEU A 17 -3.04 -3.89 25.95
N ASN A 18 -1.73 -3.61 26.21
CA ASN A 18 -0.63 -4.51 25.85
C ASN A 18 -0.48 -5.74 26.78
N GLU A 19 -1.65 -6.30 27.13
CA GLU A 19 -1.86 -7.48 27.95
C GLU A 19 -2.54 -8.54 27.06
N GLU A 20 -2.46 -9.81 27.48
CA GLU A 20 -3.09 -10.95 26.82
C GLU A 20 -4.48 -11.04 27.45
N PHE A 21 -5.49 -11.47 26.67
CA PHE A 21 -6.87 -11.57 27.16
C PHE A 21 -7.06 -12.64 28.23
N ARG A 22 -7.75 -12.26 29.31
CA ARG A 22 -8.11 -13.18 30.39
C ARG A 22 -9.62 -13.10 30.59
N PRO A 23 -10.34 -14.25 30.62
CA PRO A 23 -11.80 -14.23 30.82
C PRO A 23 -12.31 -13.44 32.03
N GLU A 24 -11.44 -13.23 33.05
CA GLU A 24 -11.70 -12.49 34.30
C GLU A 24 -11.73 -10.96 34.10
N MET A 25 -11.26 -10.46 32.92
CA MET A 25 -11.31 -9.06 32.52
C MET A 25 -12.75 -8.58 32.41
N LEU A 26 -13.69 -9.56 32.20
CA LEU A 26 -15.12 -9.37 32.03
C LEU A 26 -15.95 -9.69 33.25
N GLN A 27 -15.39 -10.41 34.22
CA GLN A 27 -16.13 -10.76 35.44
C GLN A 27 -16.75 -9.52 36.10
N GLY A 28 -18.09 -9.54 36.24
CA GLY A 28 -18.82 -8.44 36.87
C GLY A 28 -18.91 -7.15 36.10
N LYS A 29 -18.40 -7.14 34.82
CA LYS A 29 -18.51 -6.00 33.90
C LYS A 29 -19.98 -5.92 33.43
N LYS A 30 -20.49 -4.69 33.29
CA LYS A 30 -21.85 -4.39 32.88
C LYS A 30 -21.87 -4.09 31.36
N VAL A 31 -22.41 -5.06 30.61
CA VAL A 31 -22.44 -5.03 29.15
C VAL A 31 -23.86 -5.00 28.56
N ILE A 32 -24.08 -4.17 27.53
CA ILE A 32 -25.31 -4.15 26.71
C ILE A 32 -24.95 -4.94 25.41
N VAL A 33 -25.78 -5.91 25.02
CA VAL A 33 -25.58 -6.59 23.75
C VAL A 33 -26.82 -6.33 22.91
N THR A 34 -26.67 -5.59 21.79
CA THR A 34 -27.80 -5.31 20.88
C THR A 34 -27.92 -6.41 19.83
N GLY A 35 -29.14 -6.64 19.32
CA GLY A 35 -29.39 -7.72 18.36
C GLY A 35 -28.83 -9.01 18.91
N ALA A 36 -29.28 -9.39 20.12
CA ALA A 36 -28.73 -10.51 20.88
C ALA A 36 -29.67 -11.69 21.10
N SER A 37 -30.78 -11.78 20.33
CA SER A 37 -31.77 -12.85 20.44
C SER A 37 -31.39 -14.06 19.59
N LYS A 38 -30.49 -13.82 18.60
CA LYS A 38 -29.97 -14.83 17.68
C LYS A 38 -28.56 -14.44 17.18
N GLY A 39 -28.01 -15.25 16.28
CA GLY A 39 -26.72 -15.07 15.60
C GLY A 39 -25.52 -14.75 16.46
N ILE A 40 -24.70 -13.77 16.00
CA ILE A 40 -23.49 -13.36 16.71
C ILE A 40 -23.80 -12.74 18.11
N GLY A 41 -24.88 -11.97 18.21
CA GLY A 41 -25.31 -11.33 19.46
C GLY A 41 -25.53 -12.31 20.59
N ARG A 42 -26.33 -13.36 20.32
CA ARG A 42 -26.64 -14.45 21.27
C ARG A 42 -25.35 -15.10 21.77
N GLU A 43 -24.42 -15.37 20.83
CA GLU A 43 -23.11 -15.95 21.11
C GLU A 43 -22.28 -15.07 22.02
N MET A 44 -22.31 -13.74 21.80
CA MET A 44 -21.61 -12.76 22.65
C MET A 44 -22.18 -12.75 24.06
N ALA A 45 -23.54 -12.70 24.18
CA ALA A 45 -24.26 -12.77 25.44
C ALA A 45 -23.82 -14.01 26.21
N TYR A 46 -23.86 -15.18 25.55
CA TYR A 46 -23.45 -16.47 26.11
C TYR A 46 -22.00 -16.47 26.62
N HIS A 47 -21.05 -15.92 25.84
CA HIS A 47 -19.65 -15.83 26.22
C HIS A 47 -19.46 -14.97 27.46
N LEU A 48 -20.19 -13.84 27.51
CA LEU A 48 -20.21 -12.88 28.62
C LEU A 48 -20.79 -13.53 29.87
N ALA A 49 -21.82 -14.40 29.68
CA ALA A 49 -22.44 -15.16 30.77
C ALA A 49 -21.41 -16.11 31.40
N LYS A 50 -20.69 -16.94 30.59
CA LYS A 50 -19.65 -17.84 31.11
C LYS A 50 -18.59 -17.04 31.89
N MET A 51 -18.21 -15.84 31.39
CA MET A 51 -17.24 -14.95 32.02
C MET A 51 -17.75 -14.28 33.31
N GLY A 52 -19.04 -14.47 33.62
CA GLY A 52 -19.68 -13.94 34.82
C GLY A 52 -19.91 -12.45 34.75
N ALA A 53 -20.31 -11.99 33.55
CA ALA A 53 -20.58 -10.56 33.33
C ALA A 53 -22.06 -10.25 33.65
N HIS A 54 -22.33 -8.96 33.92
CA HIS A 54 -23.68 -8.43 34.06
C HIS A 54 -24.10 -8.12 32.62
N VAL A 55 -25.22 -8.67 32.21
CA VAL A 55 -25.66 -8.54 30.82
C VAL A 55 -27.07 -7.99 30.67
N VAL A 56 -27.24 -7.10 29.68
CA VAL A 56 -28.53 -6.58 29.23
C VAL A 56 -28.60 -6.79 27.71
N VAL A 57 -29.60 -7.57 27.27
CA VAL A 57 -29.80 -7.91 25.86
C VAL A 57 -31.04 -7.27 25.26
N THR A 58 -30.99 -7.01 23.96
CA THR A 58 -32.10 -6.43 23.23
C THR A 58 -32.23 -7.00 21.80
N ALA A 59 -33.46 -6.93 21.28
CA ALA A 59 -33.97 -7.30 19.96
C ALA A 59 -35.43 -6.87 20.02
N ARG A 60 -36.24 -7.15 18.99
CA ARG A 60 -37.66 -6.79 19.05
C ARG A 60 -38.49 -7.84 19.72
N SER A 61 -38.07 -9.12 19.60
CA SER A 61 -38.78 -10.31 20.06
C SER A 61 -38.47 -10.76 21.50
N LYS A 62 -39.46 -10.55 22.41
CA LYS A 62 -39.37 -10.95 23.81
C LYS A 62 -39.23 -12.47 23.99
N GLU A 63 -39.90 -13.26 23.12
CA GLU A 63 -39.91 -14.73 23.15
C GLU A 63 -38.52 -15.26 23.02
N THR A 64 -37.78 -14.81 22.00
CA THR A 64 -36.41 -15.24 21.76
C THR A 64 -35.46 -14.67 22.82
N LEU A 65 -35.62 -13.38 23.17
CA LEU A 65 -34.83 -12.73 24.23
C LEU A 65 -34.92 -13.50 25.54
N GLN A 66 -36.13 -13.96 25.90
CA GLN A 66 -36.40 -14.79 27.09
C GLN A 66 -35.50 -16.07 27.16
N LYS A 67 -35.34 -16.77 26.02
CA LYS A 67 -34.53 -17.99 25.96
C LYS A 67 -33.04 -17.72 26.20
N VAL A 68 -32.56 -16.62 25.60
CA VAL A 68 -31.19 -16.12 25.74
C VAL A 68 -30.92 -15.79 27.21
N VAL A 69 -31.85 -15.09 27.88
CA VAL A 69 -31.69 -14.70 29.29
C VAL A 69 -31.59 -15.92 30.21
N SER A 70 -32.56 -16.86 30.10
CA SER A 70 -32.57 -18.10 30.88
C SER A 70 -31.22 -18.86 30.70
N HIS A 71 -30.73 -18.98 29.43
CA HIS A 71 -29.47 -19.67 29.14
C HIS A 71 -28.28 -18.93 29.72
N CYS A 72 -28.28 -17.61 29.64
CA CYS A 72 -27.24 -16.79 30.26
C CYS A 72 -27.09 -17.04 31.76
N LEU A 73 -28.22 -17.15 32.50
CA LEU A 73 -28.16 -17.42 33.93
C LEU A 73 -27.60 -18.85 34.19
N GLU A 74 -28.07 -19.85 33.42
CA GLU A 74 -27.55 -21.21 33.49
C GLU A 74 -26.02 -21.23 33.24
N LEU A 75 -25.51 -20.42 32.28
CA LEU A 75 -24.08 -20.37 31.92
C LEU A 75 -23.17 -19.72 32.95
N GLY A 76 -23.76 -18.99 33.92
CA GLY A 76 -23.03 -18.37 35.03
C GLY A 76 -22.95 -16.86 35.07
N ALA A 77 -23.85 -16.15 34.37
CA ALA A 77 -23.85 -14.69 34.33
C ALA A 77 -24.07 -14.09 35.70
N ALA A 78 -23.39 -12.99 36.02
CA ALA A 78 -23.64 -12.27 37.28
C ALA A 78 -25.12 -11.89 37.31
N SER A 79 -25.65 -11.41 36.16
CA SER A 79 -27.06 -11.07 35.94
C SER A 79 -27.35 -11.11 34.45
N ALA A 80 -28.63 -11.29 34.09
CA ALA A 80 -29.09 -11.34 32.69
C ALA A 80 -30.53 -10.84 32.59
N HIS A 81 -30.76 -9.80 31.75
CA HIS A 81 -32.06 -9.16 31.51
C HIS A 81 -32.19 -8.71 30.10
N TYR A 82 -33.43 -8.71 29.60
CA TYR A 82 -33.74 -8.26 28.26
C TYR A 82 -34.67 -7.08 28.33
N ILE A 83 -34.64 -6.25 27.29
CA ILE A 83 -35.53 -5.11 27.09
C ILE A 83 -35.86 -5.20 25.60
N ALA A 84 -37.14 -5.41 25.24
CA ALA A 84 -37.52 -5.52 23.83
C ALA A 84 -38.01 -4.21 23.21
N GLY A 85 -37.60 -3.99 21.96
CA GLY A 85 -38.03 -2.84 21.17
C GLY A 85 -37.32 -2.84 19.85
N THR A 86 -37.69 -1.87 18.96
CA THR A 86 -37.10 -1.69 17.63
C THR A 86 -36.14 -0.51 17.57
N MET A 87 -34.97 -0.76 16.99
CA MET A 87 -33.94 0.25 16.80
C MET A 87 -34.30 1.14 15.58
N GLU A 88 -35.55 0.98 15.10
CA GLU A 88 -36.17 1.82 14.06
C GLU A 88 -36.59 3.11 14.77
N ASP A 89 -36.87 2.97 16.09
CA ASP A 89 -37.32 3.98 17.03
C ASP A 89 -36.14 4.50 17.88
N MET A 90 -35.84 5.79 17.72
CA MET A 90 -34.72 6.46 18.42
C MET A 90 -35.08 6.79 19.86
N THR A 91 -36.40 6.84 20.17
CA THR A 91 -36.87 7.10 21.53
C THR A 91 -36.64 5.81 22.34
N PHE A 92 -36.98 4.63 21.75
CA PHE A 92 -36.71 3.37 22.40
C PHE A 92 -35.20 3.25 22.64
N ALA A 93 -34.38 3.45 21.58
CA ALA A 93 -32.91 3.37 21.62
C ALA A 93 -32.29 4.17 22.80
N GLU A 94 -32.68 5.43 22.97
CA GLU A 94 -32.21 6.35 24.03
C GLU A 94 -32.66 5.89 25.44
N GLN A 95 -33.95 5.48 25.57
CA GLN A 95 -34.55 5.02 26.82
C GLN A 95 -33.95 3.71 27.22
N PHE A 96 -33.83 2.78 26.25
CA PHE A 96 -33.21 1.46 26.45
C PHE A 96 -31.88 1.56 27.19
N VAL A 97 -30.99 2.45 26.74
CA VAL A 97 -29.68 2.69 27.35
C VAL A 97 -29.80 3.14 28.82
N ALA A 98 -30.60 4.18 29.10
CA ALA A 98 -30.86 4.68 30.44
C ALA A 98 -31.30 3.54 31.37
N GLN A 99 -32.41 2.84 31.00
CA GLN A 99 -32.99 1.72 31.71
C GLN A 99 -31.98 0.62 32.01
N ALA A 100 -31.30 0.12 30.94
CA ALA A 100 -30.28 -0.92 31.03
C ALA A 100 -29.17 -0.54 32.05
N GLY A 101 -28.64 0.69 31.91
CA GLY A 101 -27.62 1.24 32.78
C GLY A 101 -28.07 1.48 34.20
N LYS A 102 -29.37 1.85 34.38
CA LYS A 102 -29.96 2.04 35.70
C LYS A 102 -30.11 0.67 36.37
N LEU A 103 -30.46 -0.38 35.59
CA LEU A 103 -30.62 -1.74 36.09
C LEU A 103 -29.31 -2.28 36.61
N MET A 104 -28.20 -2.05 35.87
CA MET A 104 -26.88 -2.59 36.26
C MET A 104 -26.10 -1.63 37.18
N GLY A 105 -26.53 -0.37 37.27
CA GLY A 105 -25.84 0.61 38.09
C GLY A 105 -24.54 1.09 37.44
N GLY A 106 -24.57 1.17 36.11
CA GLY A 106 -23.48 1.61 35.27
C GLY A 106 -23.34 0.75 34.03
N LEU A 107 -22.38 1.11 33.17
CA LEU A 107 -22.08 0.43 31.92
C LEU A 107 -20.58 0.53 31.69
N ASP A 108 -19.97 -0.60 31.37
CA ASP A 108 -18.54 -0.66 31.09
C ASP A 108 -18.35 -0.97 29.59
N MET A 109 -19.32 -1.68 28.97
CA MET A 109 -19.23 -2.06 27.57
C MET A 109 -20.56 -1.98 26.83
N LEU A 110 -20.54 -1.37 25.65
CA LEU A 110 -21.70 -1.24 24.79
C LEU A 110 -21.35 -1.91 23.47
N ILE A 111 -21.98 -3.07 23.19
CA ILE A 111 -21.75 -3.84 21.95
C ILE A 111 -22.91 -3.60 21.04
N LEU A 112 -22.64 -2.92 19.90
CA LEU A 112 -23.62 -2.50 18.90
C LEU A 112 -23.53 -3.46 17.74
N ASN A 113 -24.47 -4.39 17.71
CA ASN A 113 -24.48 -5.50 16.81
C ASN A 113 -25.67 -5.60 15.87
N HIS A 114 -26.87 -5.20 16.32
CA HIS A 114 -28.11 -5.27 15.54
C HIS A 114 -28.05 -4.67 14.13
N ILE A 115 -28.87 -5.25 13.21
CA ILE A 115 -29.12 -4.78 11.85
C ILE A 115 -30.59 -5.02 11.50
N THR A 116 -31.11 -4.27 10.51
CA THR A 116 -32.44 -4.46 10.00
C THR A 116 -32.38 -5.69 9.09
N ASN A 117 -33.52 -6.39 8.92
CA ASN A 117 -33.54 -7.57 8.05
C ASN A 117 -33.08 -7.21 6.65
N THR A 118 -32.01 -7.88 6.21
CA THR A 118 -31.42 -7.66 4.89
C THR A 118 -31.25 -8.99 4.16
N SER A 119 -31.33 -8.92 2.82
CA SER A 119 -31.15 -10.04 1.91
C SER A 119 -30.28 -9.61 0.72
N LEU A 120 -29.80 -10.59 -0.07
CA LEU A 120 -28.97 -10.31 -1.25
C LEU A 120 -29.83 -10.01 -2.46
N ASN A 121 -29.78 -8.79 -2.95
CA ASN A 121 -30.53 -8.38 -4.13
C ASN A 121 -29.86 -7.23 -4.81
N LEU A 122 -30.16 -7.06 -6.11
CA LEU A 122 -29.71 -5.90 -6.86
C LEU A 122 -30.58 -4.73 -6.36
N PHE A 123 -29.98 -3.54 -6.16
CA PHE A 123 -30.72 -2.33 -5.81
C PHE A 123 -31.75 -2.13 -6.90
N HIS A 124 -33.02 -1.82 -6.51
CA HIS A 124 -34.13 -1.67 -7.45
C HIS A 124 -35.05 -0.49 -7.10
N ASP A 125 -34.47 0.70 -6.87
CA ASP A 125 -35.22 1.93 -6.53
C ASP A 125 -35.91 1.89 -5.16
N ASP A 126 -35.50 0.93 -4.31
CA ASP A 126 -36.02 0.72 -2.97
C ASP A 126 -35.35 1.68 -1.99
N ILE A 127 -35.63 2.98 -2.14
CA ILE A 127 -35.10 4.03 -1.26
C ILE A 127 -35.42 3.72 0.19
N HIS A 128 -36.63 3.18 0.43
CA HIS A 128 -37.09 2.84 1.76
C HIS A 128 -36.12 1.91 2.45
N HIS A 129 -35.54 0.94 1.70
CA HIS A 129 -34.58 0.00 2.24
C HIS A 129 -33.26 0.71 2.53
N VAL A 130 -32.91 1.70 1.72
CA VAL A 130 -31.69 2.48 1.91
C VAL A 130 -31.85 3.32 3.19
N ARG A 131 -33.01 3.96 3.37
CA ARG A 131 -33.29 4.79 4.55
C ARG A 131 -33.37 3.96 5.84
N LYS A 132 -34.03 2.78 5.80
CA LYS A 132 -34.14 1.87 6.93
C LYS A 132 -32.74 1.38 7.36
N SER A 133 -31.92 0.96 6.38
CA SER A 133 -30.55 0.53 6.61
C SER A 133 -29.79 1.65 7.32
N MET A 134 -29.88 2.91 6.85
CA MET A 134 -29.20 4.02 7.51
C MET A 134 -29.70 4.28 8.94
N GLU A 135 -31.01 4.22 9.17
CA GLU A 135 -31.64 4.46 10.48
C GLU A 135 -31.29 3.39 11.51
N VAL A 136 -31.54 2.08 11.17
CA VAL A 136 -31.31 0.93 12.07
C VAL A 136 -29.82 0.58 12.27
N ASN A 137 -29.07 0.43 11.14
CA ASN A 137 -27.68 -0.01 11.09
C ASN A 137 -26.65 1.05 11.42
N PHE A 138 -27.00 2.35 11.22
CA PHE A 138 -26.10 3.48 11.50
C PHE A 138 -26.61 4.46 12.57
N LEU A 139 -27.74 5.14 12.31
CA LEU A 139 -28.27 6.14 13.22
C LEU A 139 -28.57 5.68 14.61
N SER A 140 -29.22 4.50 14.74
CA SER A 140 -29.53 3.92 16.04
C SER A 140 -28.23 3.71 16.85
N TYR A 141 -27.11 3.38 16.16
CA TYR A 141 -25.79 3.20 16.77
C TYR A 141 -25.28 4.54 17.40
N VAL A 142 -25.46 5.68 16.69
CA VAL A 142 -25.09 7.03 17.15
C VAL A 142 -25.94 7.38 18.41
N VAL A 143 -27.27 7.17 18.31
CA VAL A 143 -28.21 7.43 19.42
C VAL A 143 -27.77 6.65 20.69
N LEU A 144 -27.43 5.36 20.53
CA LEU A 144 -27.02 4.48 21.62
C LEU A 144 -25.72 5.01 22.26
N THR A 145 -24.73 5.37 21.43
CA THR A 145 -23.43 5.92 21.84
C THR A 145 -23.62 7.22 22.65
N VAL A 146 -24.40 8.17 22.09
CA VAL A 146 -24.73 9.43 22.74
C VAL A 146 -25.32 9.16 24.14
N ALA A 147 -26.30 8.28 24.18
CA ALA A 147 -27.03 7.98 25.40
C ALA A 147 -26.15 7.32 26.45
N ALA A 148 -25.13 6.59 25.99
CA ALA A 148 -24.33 5.75 26.84
C ALA A 148 -22.98 6.33 27.26
N LEU A 149 -22.57 7.44 26.67
CA LEU A 149 -21.25 7.98 26.93
C LEU A 149 -20.97 8.47 28.35
N PRO A 150 -21.91 9.16 28.97
CA PRO A 150 -21.69 9.60 30.35
C PRO A 150 -21.33 8.45 31.27
N MET A 151 -22.05 7.35 31.14
CA MET A 151 -21.78 6.12 31.91
C MET A 151 -20.45 5.47 31.53
N LEU A 152 -20.12 5.44 30.20
CA LEU A 152 -18.88 4.86 29.69
C LEU A 152 -17.66 5.72 30.02
N LYS A 153 -17.86 7.05 30.14
CA LYS A 153 -16.80 7.99 30.53
C LYS A 153 -16.41 7.74 32.00
N GLN A 154 -17.44 7.42 32.84
CA GLN A 154 -17.33 7.15 34.26
C GLN A 154 -16.45 5.92 34.54
N SER A 155 -16.74 4.81 33.87
CA SER A 155 -16.05 3.53 34.03
C SER A 155 -14.83 3.34 33.11
N ASN A 156 -14.45 4.42 32.34
CA ASN A 156 -13.39 4.39 31.32
C ASN A 156 -13.58 3.15 30.43
N GLY A 157 -14.83 3.02 29.96
CA GLY A 157 -15.40 1.92 29.19
C GLY A 157 -15.14 1.84 27.70
N SER A 158 -15.85 0.90 27.04
CA SER A 158 -15.67 0.59 25.63
C SER A 158 -16.94 0.62 24.81
N ILE A 159 -16.79 1.00 23.51
CA ILE A 159 -17.83 0.96 22.46
C ILE A 159 -17.34 -0.05 21.42
N VAL A 160 -18.15 -1.07 21.14
CA VAL A 160 -17.81 -2.11 20.18
C VAL A 160 -18.87 -2.04 19.06
N VAL A 161 -18.40 -1.77 17.85
CA VAL A 161 -19.24 -1.59 16.68
C VAL A 161 -19.02 -2.78 15.71
N VAL A 162 -20.04 -3.62 15.55
CA VAL A 162 -19.95 -4.80 14.68
C VAL A 162 -20.25 -4.40 13.24
N SER A 163 -19.23 -4.54 12.36
CA SER A 163 -19.30 -4.20 10.94
C SER A 163 -19.04 -5.44 10.07
N SER A 164 -18.82 -5.23 8.77
CA SER A 164 -18.66 -6.26 7.76
C SER A 164 -17.48 -5.97 6.79
N LEU A 165 -17.03 -7.01 6.00
CA LEU A 165 -16.04 -6.85 4.93
C LEU A 165 -16.64 -5.85 3.93
N ALA A 166 -17.99 -5.88 3.80
CA ALA A 166 -18.83 -5.00 2.96
C ALA A 166 -18.84 -3.58 3.52
N GLY A 167 -18.30 -3.41 4.73
CA GLY A 167 -18.14 -2.10 5.36
C GLY A 167 -16.74 -1.56 5.20
N LYS A 168 -15.97 -2.15 4.28
CA LYS A 168 -14.58 -1.78 3.96
C LYS A 168 -14.34 -1.86 2.45
N VAL A 169 -14.90 -2.88 1.80
CA VAL A 169 -14.77 -3.08 0.35
C VAL A 169 -16.19 -3.13 -0.26
N ALA A 170 -16.29 -2.88 -1.57
CA ALA A 170 -17.55 -2.89 -2.29
C ALA A 170 -17.95 -4.27 -2.77
N TYR A 171 -19.25 -4.57 -2.69
CA TYR A 171 -19.80 -5.84 -3.19
C TYR A 171 -21.16 -5.63 -3.83
N PRO A 172 -21.48 -6.36 -4.90
CA PRO A 172 -22.84 -6.29 -5.44
C PRO A 172 -23.82 -7.02 -4.51
N MET A 173 -25.13 -6.74 -4.66
CA MET A 173 -26.25 -7.34 -3.89
C MET A 173 -26.47 -6.79 -2.47
N VAL A 174 -25.59 -5.84 -2.00
CA VAL A 174 -25.59 -5.26 -0.64
C VAL A 174 -25.38 -3.72 -0.59
N ALA A 175 -25.78 -2.99 -1.64
CA ALA A 175 -25.60 -1.53 -1.66
C ALA A 175 -26.04 -0.81 -0.38
N ALA A 176 -27.35 -0.86 -0.03
CA ALA A 176 -27.89 -0.21 1.17
C ALA A 176 -27.19 -0.65 2.43
N TYR A 177 -26.89 -1.95 2.52
CA TYR A 177 -26.20 -2.55 3.65
C TYR A 177 -24.76 -2.03 3.79
N SER A 178 -24.00 -1.96 2.66
CA SER A 178 -22.61 -1.46 2.64
C SER A 178 -22.55 -0.02 3.04
N ALA A 179 -23.48 0.80 2.52
CA ALA A 179 -23.56 2.22 2.78
C ALA A 179 -23.66 2.48 4.26
N SER A 180 -24.51 1.74 4.99
CA SER A 180 -24.66 1.88 6.46
C SER A 180 -23.39 1.43 7.21
N LYS A 181 -22.77 0.31 6.74
CA LYS A 181 -21.55 -0.25 7.30
C LYS A 181 -20.36 0.69 7.11
N PHE A 182 -20.24 1.27 5.91
CA PHE A 182 -19.20 2.26 5.59
C PHE A 182 -19.39 3.50 6.49
N ALA A 183 -20.65 3.98 6.60
CA ALA A 183 -21.00 5.12 7.45
C ALA A 183 -20.55 4.95 8.95
N LEU A 184 -20.58 3.69 9.46
CA LEU A 184 -20.13 3.36 10.82
C LEU A 184 -18.61 3.62 10.97
N ASP A 185 -17.82 3.16 9.95
CA ASP A 185 -16.38 3.35 9.89
C ASP A 185 -16.06 4.86 9.90
N GLY A 186 -16.61 5.62 8.94
CA GLY A 186 -16.44 7.07 8.88
C GLY A 186 -16.77 7.80 10.16
N PHE A 187 -17.94 7.54 10.78
CA PHE A 187 -18.33 8.21 12.03
C PHE A 187 -17.51 7.77 13.28
N PHE A 188 -17.52 6.47 13.60
CA PHE A 188 -16.80 5.98 14.78
C PHE A 188 -15.29 6.16 14.73
N SER A 189 -14.67 6.04 13.52
CA SER A 189 -13.23 6.24 13.33
C SER A 189 -12.89 7.70 13.57
N SER A 190 -13.78 8.61 13.12
CA SER A 190 -13.62 10.04 13.33
C SER A 190 -13.78 10.42 14.79
N ILE A 191 -14.85 9.98 15.47
CA ILE A 191 -15.04 10.26 16.90
C ILE A 191 -13.91 9.68 17.78
N ARG A 192 -13.31 8.56 17.35
CA ARG A 192 -12.19 7.95 18.07
C ARG A 192 -11.06 8.98 18.15
N LYS A 193 -10.71 9.61 16.99
CA LYS A 193 -9.69 10.68 16.86
C LYS A 193 -10.04 11.86 17.75
N GLU A 194 -11.33 12.14 17.89
CA GLU A 194 -11.81 13.21 18.74
C GLU A 194 -11.61 12.83 20.21
N TYR A 195 -11.89 11.57 20.59
CA TYR A 195 -11.72 11.12 21.98
C TYR A 195 -10.25 11.18 22.42
N SER A 196 -9.31 10.92 21.49
CA SER A 196 -7.87 11.03 21.74
C SER A 196 -7.47 12.46 22.09
N VAL A 197 -7.91 13.46 21.30
CA VAL A 197 -7.58 14.86 21.57
C VAL A 197 -8.34 15.43 22.78
N SER A 198 -9.61 15.05 22.97
CA SER A 198 -10.46 15.49 24.08
C SER A 198 -10.19 14.72 25.37
N ARG A 199 -9.22 13.77 25.30
CA ARG A 199 -8.79 12.92 26.41
C ARG A 199 -9.98 12.15 27.05
N VAL A 200 -10.92 11.69 26.18
CA VAL A 200 -12.10 10.90 26.55
C VAL A 200 -11.64 9.43 26.58
N ASN A 201 -11.50 8.86 27.78
CA ASN A 201 -11.02 7.49 27.90
C ASN A 201 -12.07 6.42 27.62
N VAL A 202 -12.65 6.46 26.42
CA VAL A 202 -13.65 5.52 25.95
C VAL A 202 -13.11 4.89 24.68
N SER A 203 -12.85 3.57 24.73
CA SER A 203 -12.32 2.87 23.55
C SER A 203 -13.41 2.60 22.52
N ILE A 204 -13.02 2.57 21.23
CA ILE A 204 -13.92 2.27 20.13
C ILE A 204 -13.30 1.17 19.31
N THR A 205 -14.05 0.07 19.13
CA THR A 205 -13.58 -1.08 18.35
C THR A 205 -14.51 -1.33 17.17
N LEU A 206 -13.96 -1.37 15.97
CA LEU A 206 -14.69 -1.66 14.73
C LEU A 206 -14.35 -3.10 14.34
N CYS A 207 -15.38 -3.97 14.22
CA CYS A 207 -15.15 -5.37 13.89
C CYS A 207 -15.52 -5.67 12.44
N VAL A 208 -14.53 -6.08 11.65
CA VAL A 208 -14.66 -6.38 10.22
C VAL A 208 -14.80 -7.87 10.05
N LEU A 209 -16.04 -8.30 9.86
CA LEU A 209 -16.35 -9.72 9.77
C LEU A 209 -16.67 -10.21 8.38
N GLY A 210 -16.09 -11.36 8.05
CA GLY A 210 -16.37 -12.09 6.83
C GLY A 210 -17.59 -12.94 7.07
N LEU A 211 -17.81 -13.95 6.22
CA LEU A 211 -18.98 -14.82 6.36
C LEU A 211 -18.90 -15.72 7.57
N ILE A 212 -19.95 -15.60 8.43
CA ILE A 212 -20.18 -16.29 9.70
C ILE A 212 -21.45 -17.15 9.56
N ASP A 213 -21.42 -18.38 10.13
CA ASP A 213 -22.46 -19.40 10.05
C ASP A 213 -23.79 -19.13 10.77
N THR A 214 -24.22 -17.85 10.84
CA THR A 214 -25.52 -17.55 11.48
C THR A 214 -26.67 -18.06 10.63
N GLU A 215 -27.78 -18.46 11.26
CA GLU A 215 -28.99 -18.91 10.54
C GLU A 215 -29.42 -17.88 9.46
N THR A 216 -29.28 -16.57 9.74
CA THR A 216 -29.60 -15.47 8.82
C THR A 216 -28.62 -15.42 7.61
N ALA A 217 -27.30 -15.45 7.87
CA ALA A 217 -26.29 -15.39 6.82
C ALA A 217 -26.35 -16.65 5.92
N MET A 218 -26.47 -17.83 6.57
CA MET A 218 -26.59 -19.09 5.89
C MET A 218 -27.82 -19.21 4.99
N LYS A 219 -28.96 -18.60 5.37
CA LYS A 219 -30.16 -18.61 4.53
C LYS A 219 -30.00 -17.66 3.33
N ALA A 220 -29.24 -16.56 3.52
CA ALA A 220 -28.97 -15.52 2.54
C ALA A 220 -28.03 -15.91 1.41
N VAL A 221 -26.87 -16.52 1.72
CA VAL A 221 -25.86 -16.93 0.72
C VAL A 221 -26.25 -18.14 -0.16
N SER A 222 -25.56 -18.32 -1.32
CA SER A 222 -25.80 -19.43 -2.28
C SER A 222 -24.57 -20.23 -2.75
N GLY A 223 -24.63 -21.56 -2.59
CA GLY A 223 -23.64 -22.54 -3.04
C GLY A 223 -22.62 -23.12 -2.05
N ILE A 224 -21.38 -23.40 -2.56
CA ILE A 224 -20.23 -23.93 -1.78
C ILE A 224 -19.68 -22.89 -0.78
N VAL A 225 -20.01 -21.58 -1.02
CA VAL A 225 -19.65 -20.40 -0.24
C VAL A 225 -20.01 -20.59 1.24
N HIS A 226 -21.15 -21.31 1.51
CA HIS A 226 -21.70 -21.71 2.82
C HIS A 226 -20.66 -22.45 3.71
N MET A 227 -19.87 -23.35 3.10
CA MET A 227 -18.82 -24.15 3.76
C MET A 227 -17.54 -23.38 4.11
N GLN A 228 -17.45 -22.10 3.66
CA GLN A 228 -16.34 -21.17 3.89
C GLN A 228 -16.76 -20.20 5.01
N ALA A 229 -17.78 -20.56 5.81
CA ALA A 229 -18.27 -19.72 6.90
C ALA A 229 -17.61 -20.08 8.18
N ALA A 230 -17.21 -19.04 8.93
CA ALA A 230 -16.55 -19.21 10.21
C ALA A 230 -17.58 -19.47 11.34
N PRO A 231 -17.20 -20.16 12.45
CA PRO A 231 -18.18 -20.39 13.52
C PRO A 231 -18.56 -19.11 14.26
N LYS A 232 -19.88 -18.90 14.46
CA LYS A 232 -20.43 -17.76 15.19
C LYS A 232 -19.87 -17.63 16.61
N GLU A 233 -19.65 -18.79 17.29
CA GLU A 233 -19.17 -18.89 18.68
C GLU A 233 -17.75 -18.35 18.85
N GLU A 234 -16.83 -18.71 17.92
CA GLU A 234 -15.43 -18.24 17.93
C GLU A 234 -15.37 -16.73 17.56
N CYS A 235 -16.24 -16.30 16.62
CA CYS A 235 -16.44 -14.94 16.12
C CYS A 235 -16.89 -14.00 17.26
N ALA A 236 -17.95 -14.42 18.01
CA ALA A 236 -18.50 -13.68 19.15
C ALA A 236 -17.40 -13.45 20.21
N LEU A 237 -16.56 -14.48 20.46
CA LEU A 237 -15.45 -14.45 21.40
C LEU A 237 -14.35 -13.48 20.95
N GLU A 238 -14.03 -13.47 19.65
CA GLU A 238 -13.00 -12.59 19.12
C GLU A 238 -13.38 -11.12 19.26
N ILE A 239 -14.68 -10.78 19.00
CA ILE A 239 -15.23 -9.44 19.14
C ILE A 239 -15.08 -9.00 20.62
N ILE A 240 -15.49 -9.85 21.60
CA ILE A 240 -15.38 -9.60 23.05
C ILE A 240 -13.91 -9.33 23.41
N LYS A 241 -13.00 -10.26 23.02
CA LYS A 241 -11.55 -10.15 23.25
C LYS A 241 -11.02 -8.80 22.75
N GLY A 242 -11.21 -8.51 21.46
CA GLY A 242 -10.77 -7.27 20.82
C GLY A 242 -11.27 -6.03 21.55
N GLY A 243 -12.55 -6.04 21.92
CA GLY A 243 -13.18 -4.97 22.66
C GLY A 243 -12.60 -4.77 24.04
N ALA A 244 -12.29 -5.87 24.74
CA ALA A 244 -11.70 -5.87 26.07
C ALA A 244 -10.29 -5.35 26.01
N LEU A 245 -9.53 -5.70 24.95
CA LEU A 245 -8.14 -5.27 24.80
C LEU A 245 -7.97 -3.85 24.25
N ARG A 246 -9.10 -3.11 24.08
CA ARG A 246 -9.16 -1.73 23.59
C ARG A 246 -8.56 -1.53 22.17
N GLN A 247 -8.60 -2.61 21.36
CA GLN A 247 -8.12 -2.64 19.98
C GLN A 247 -9.01 -1.72 19.13
N GLU A 248 -8.41 -1.06 18.14
CA GLU A 248 -9.13 -0.16 17.24
C GLU A 248 -9.98 -0.97 16.27
N GLU A 249 -9.38 -1.98 15.63
CA GLU A 249 -10.10 -2.81 14.69
C GLU A 249 -9.99 -4.30 14.99
N VAL A 250 -11.02 -5.08 14.64
CA VAL A 250 -11.00 -6.54 14.80
C VAL A 250 -11.34 -7.17 13.47
N TYR A 251 -10.46 -8.03 12.97
CA TYR A 251 -10.69 -8.70 11.71
C TYR A 251 -10.96 -10.16 12.01
N TYR A 252 -12.09 -10.70 11.54
CA TYR A 252 -12.39 -12.10 11.76
C TYR A 252 -12.96 -12.72 10.50
N ASP A 253 -12.26 -13.71 9.97
CA ASP A 253 -12.60 -14.44 8.75
C ASP A 253 -12.17 -15.89 8.86
N SER A 254 -12.72 -16.73 7.98
CA SER A 254 -12.40 -18.15 7.87
C SER A 254 -11.02 -18.27 7.23
N SER A 255 -10.69 -17.32 6.31
CA SER A 255 -9.42 -17.20 5.57
C SER A 255 -8.43 -16.24 6.25
N LEU A 256 -7.16 -16.67 6.31
CA LEU A 256 -6.05 -15.88 6.87
C LEU A 256 -5.62 -14.81 5.87
N TRP A 257 -5.71 -15.12 4.56
CA TRP A 257 -5.30 -14.24 3.47
C TRP A 257 -6.23 -13.04 3.32
N THR A 258 -7.50 -13.19 3.75
CA THR A 258 -8.52 -12.15 3.73
C THR A 258 -8.23 -11.14 4.85
N THR A 259 -7.79 -11.62 6.03
CA THR A 259 -7.42 -10.76 7.18
C THR A 259 -6.18 -9.91 6.91
N LEU A 260 -5.32 -10.40 6.03
CA LEU A 260 -4.12 -9.69 5.62
C LEU A 260 -4.42 -8.61 4.60
N LEU A 261 -5.40 -8.86 3.75
CA LEU A 261 -5.78 -7.91 2.73
C LEU A 261 -6.71 -6.84 3.25
N ILE A 262 -7.21 -7.03 4.45
CA ILE A 262 -8.20 -6.12 4.98
C ILE A 262 -7.60 -4.90 5.69
N ARG A 263 -6.29 -4.93 5.88
CA ARG A 263 -5.60 -3.82 6.53
C ARG A 263 -5.29 -2.69 5.57
N ASN A 264 -5.21 -1.48 6.09
CA ASN A 264 -4.94 -0.31 5.24
C ASN A 264 -3.86 0.61 5.82
N PRO A 265 -2.57 0.21 5.71
CA PRO A 265 -1.49 1.03 6.26
C PRO A 265 -1.42 2.43 5.66
N SER A 266 -1.79 2.57 4.37
CA SER A 266 -1.82 3.84 3.64
C SER A 266 -2.72 4.86 4.33
N ARG A 267 -3.98 4.43 4.65
CA ARG A 267 -4.98 5.21 5.36
C ARG A 267 -4.44 5.68 6.70
N LYS A 268 -3.81 4.76 7.45
CA LYS A 268 -3.22 5.01 8.76
C LYS A 268 -2.08 6.04 8.69
N ILE A 269 -1.27 6.01 7.61
CA ILE A 269 -0.21 6.99 7.37
C ILE A 269 -0.84 8.37 7.13
N LEU A 270 -1.77 8.48 6.15
CA LEU A 270 -2.47 9.72 5.80
C LEU A 270 -3.16 10.31 7.01
N GLU A 271 -3.82 9.47 7.82
CA GLU A 271 -4.44 9.93 9.05
C GLU A 271 -3.40 10.54 9.99
N PHE A 272 -2.19 9.93 10.08
CA PHE A 272 -1.12 10.48 10.91
C PHE A 272 -0.54 11.78 10.35
N LEU A 273 -0.37 11.84 9.02
CA LEU A 273 0.17 13.04 8.37
C LEU A 273 -0.76 14.23 8.60
N TYR A 274 -2.06 14.07 8.27
CA TYR A 274 -3.06 15.12 8.47
C TYR A 274 -3.36 15.44 9.93
N SER A 275 -2.85 14.62 10.90
CA SER A 275 -3.07 14.89 12.31
C SER A 275 -2.32 16.15 12.78
N THR A 276 -1.13 16.42 12.19
CA THR A 276 -0.31 17.58 12.50
C THR A 276 -0.84 18.87 11.87
N SER A 277 -1.81 18.77 10.94
CA SER A 277 -2.35 19.92 10.23
C SER A 277 -3.45 20.70 10.94
N TYR A 278 -3.65 20.46 12.26
CA TYR A 278 -4.68 21.18 13.01
C TYR A 278 -4.34 21.57 14.44
N ASN A 279 -4.85 22.74 14.88
CA ASN A 279 -4.70 23.29 16.24
C ASN A 279 -6.03 23.06 16.94
N MET A 280 -6.06 22.09 17.87
CA MET A 280 -7.25 21.70 18.62
C MET A 280 -7.68 22.70 19.69
N ASP A 281 -6.77 23.62 20.07
CA ASP A 281 -6.94 24.65 21.11
C ASP A 281 -8.05 25.69 20.77
N ARG A 282 -9.26 25.17 20.53
CA ARG A 282 -10.48 25.92 20.18
C ARG A 282 -11.68 25.25 20.87
N PHE A 283 -11.59 23.93 21.07
CA PHE A 283 -12.60 23.07 21.70
C PHE A 283 -11.91 22.08 22.62
N GLN B 14 -16.22 -1.01 -14.10
CA GLN B 14 -16.41 -0.30 -15.35
C GLN B 14 -15.10 0.03 -16.09
N GLN B 15 -15.12 -0.07 -17.43
CA GLN B 15 -13.98 0.25 -18.29
C GLN B 15 -14.02 1.72 -18.71
N PRO B 16 -12.98 2.53 -18.35
CA PRO B 16 -12.97 3.93 -18.77
C PRO B 16 -12.69 4.11 -20.27
N LEU B 17 -13.06 5.28 -20.85
CA LEU B 17 -12.80 5.58 -22.26
C LEU B 17 -11.31 5.83 -22.43
N ASN B 18 -10.55 4.77 -22.84
CA ASN B 18 -9.09 4.83 -23.02
C ASN B 18 -8.72 5.72 -24.20
N GLU B 19 -8.57 7.02 -23.89
CA GLU B 19 -8.28 8.13 -24.78
C GLU B 19 -8.16 9.41 -23.97
N GLU B 20 -7.52 10.43 -24.56
CA GLU B 20 -7.29 11.74 -23.94
C GLU B 20 -8.59 12.51 -23.84
N PHE B 21 -8.67 13.41 -22.83
CA PHE B 21 -9.84 14.27 -22.69
C PHE B 21 -9.72 15.41 -23.67
N ARG B 22 -10.83 15.71 -24.33
CA ARG B 22 -10.91 16.88 -25.19
C ARG B 22 -12.18 17.64 -24.75
N PRO B 23 -12.15 18.99 -24.64
CA PRO B 23 -13.38 19.69 -24.21
C PRO B 23 -14.59 19.43 -25.10
N GLU B 24 -14.37 19.16 -26.41
CA GLU B 24 -15.41 18.83 -27.40
C GLU B 24 -16.29 17.62 -27.00
N MET B 25 -15.86 16.87 -25.96
CA MET B 25 -16.59 15.71 -25.46
C MET B 25 -17.90 16.13 -24.77
N LEU B 26 -17.90 17.32 -24.14
CA LEU B 26 -19.06 17.87 -23.45
C LEU B 26 -19.96 18.74 -24.34
N GLN B 27 -19.55 18.99 -25.60
CA GLN B 27 -20.37 19.77 -26.54
C GLN B 27 -21.75 19.14 -26.81
N GLY B 28 -22.79 19.89 -26.46
CA GLY B 28 -24.19 19.51 -26.63
C GLY B 28 -24.65 18.46 -25.64
N LYS B 29 -23.81 18.18 -24.62
CA LYS B 29 -24.12 17.19 -23.61
C LYS B 29 -25.03 17.79 -22.55
N LYS B 30 -26.08 17.04 -22.17
CA LYS B 30 -27.10 17.44 -21.20
C LYS B 30 -26.62 17.03 -19.79
N VAL B 31 -26.22 18.05 -18.99
CA VAL B 31 -25.63 17.83 -17.64
C VAL B 31 -26.45 18.51 -16.55
N ILE B 32 -26.54 17.84 -15.38
CA ILE B 32 -27.14 18.35 -14.15
C ILE B 32 -25.99 18.67 -13.19
N VAL B 33 -26.03 19.85 -12.53
CA VAL B 33 -25.06 20.16 -11.49
C VAL B 33 -25.75 20.59 -10.20
N THR B 34 -25.65 19.76 -9.16
CA THR B 34 -26.22 20.05 -7.85
C THR B 34 -25.16 20.78 -7.06
N GLY B 35 -25.61 21.62 -6.12
CA GLY B 35 -24.73 22.46 -5.33
C GLY B 35 -23.94 23.40 -6.21
N ALA B 36 -24.59 23.94 -7.28
CA ALA B 36 -23.95 24.79 -8.30
C ALA B 36 -24.16 26.32 -8.23
N SER B 37 -24.54 26.86 -7.06
CA SER B 37 -24.72 28.31 -6.87
C SER B 37 -23.42 29.00 -6.46
N LYS B 38 -22.46 28.22 -5.95
CA LYS B 38 -21.15 28.67 -5.45
C LYS B 38 -20.16 27.48 -5.47
N GLY B 39 -18.90 27.73 -5.10
CA GLY B 39 -17.85 26.72 -5.03
C GLY B 39 -17.61 25.87 -6.25
N ILE B 40 -17.27 24.58 -6.04
CA ILE B 40 -16.95 23.59 -7.08
C ILE B 40 -18.09 23.36 -8.07
N GLY B 41 -19.33 23.39 -7.58
CA GLY B 41 -20.53 23.23 -8.40
C GLY B 41 -20.61 24.34 -9.44
N ARG B 42 -20.53 25.61 -8.98
CA ARG B 42 -20.54 26.81 -9.83
C ARG B 42 -19.43 26.74 -10.87
N GLU B 43 -18.18 26.45 -10.44
CA GLU B 43 -17.03 26.29 -11.31
C GLU B 43 -17.28 25.19 -12.36
N MET B 44 -17.90 24.04 -11.96
CA MET B 44 -18.20 22.96 -12.92
C MET B 44 -19.16 23.44 -14.01
N ALA B 45 -20.22 24.19 -13.62
CA ALA B 45 -21.19 24.74 -14.56
C ALA B 45 -20.51 25.70 -15.56
N TYR B 46 -19.57 26.54 -15.05
CA TYR B 46 -18.81 27.47 -15.89
C TYR B 46 -17.96 26.73 -16.90
N HIS B 47 -17.30 25.61 -16.46
CA HIS B 47 -16.50 24.79 -17.37
C HIS B 47 -17.36 24.20 -18.46
N LEU B 48 -18.54 23.69 -18.08
CA LEU B 48 -19.50 23.05 -19.01
C LEU B 48 -20.15 24.05 -19.97
N ALA B 49 -20.18 25.33 -19.58
CA ALA B 49 -20.74 26.39 -20.38
C ALA B 49 -19.79 26.68 -21.52
N LYS B 50 -18.48 26.90 -21.23
CA LYS B 50 -17.47 27.16 -22.27
C LYS B 50 -17.45 26.02 -23.31
N MET B 51 -17.71 24.78 -22.85
CA MET B 51 -17.75 23.57 -23.69
C MET B 51 -18.99 23.43 -24.58
N GLY B 52 -19.94 24.35 -24.43
CA GLY B 52 -21.17 24.35 -25.22
C GLY B 52 -22.14 23.25 -24.86
N ALA B 53 -22.21 22.91 -23.56
CA ALA B 53 -23.11 21.90 -23.01
C ALA B 53 -24.41 22.53 -22.57
N HIS B 54 -25.43 21.69 -22.35
CA HIS B 54 -26.70 22.10 -21.78
C HIS B 54 -26.57 21.84 -20.29
N VAL B 55 -26.79 22.89 -19.49
CA VAL B 55 -26.71 22.79 -18.04
C VAL B 55 -28.00 23.15 -17.33
N VAL B 56 -28.32 22.35 -16.29
CA VAL B 56 -29.41 22.62 -15.37
C VAL B 56 -28.72 22.60 -14.03
N VAL B 57 -28.74 23.74 -13.34
CA VAL B 57 -28.13 23.93 -12.02
C VAL B 57 -29.14 23.97 -10.87
N THR B 58 -28.70 23.64 -9.63
CA THR B 58 -29.57 23.62 -8.45
C THR B 58 -28.83 23.90 -7.13
N ALA B 59 -29.57 24.52 -6.20
CA ALA B 59 -29.21 24.87 -4.83
C ALA B 59 -30.50 25.36 -4.23
N ARG B 60 -30.49 26.01 -3.06
CA ARG B 60 -31.76 26.49 -2.51
C ARG B 60 -31.99 27.95 -2.88
N SER B 61 -30.89 28.72 -3.03
CA SER B 61 -30.91 30.15 -3.29
C SER B 61 -30.98 30.55 -4.78
N LYS B 62 -32.20 30.93 -5.23
CA LYS B 62 -32.52 31.35 -6.61
C LYS B 62 -31.69 32.55 -7.09
N GLU B 63 -31.49 33.56 -6.21
N GLU B 63 -31.48 33.54 -6.20
CA GLU B 63 -30.71 34.77 -6.45
CA GLU B 63 -30.71 34.76 -6.45
C GLU B 63 -29.28 34.43 -6.90
C GLU B 63 -29.25 34.48 -6.86
N THR B 64 -28.56 33.56 -6.15
CA THR B 64 -27.18 33.14 -6.49
C THR B 64 -27.21 32.22 -7.73
N LEU B 65 -28.23 31.36 -7.81
CA LEU B 65 -28.42 30.45 -8.93
C LEU B 65 -28.61 31.27 -10.23
N GLN B 66 -29.45 32.29 -10.19
CA GLN B 66 -29.67 33.13 -11.37
C GLN B 66 -28.35 33.69 -11.92
N LYS B 67 -27.53 34.24 -11.02
CA LYS B 67 -26.23 34.84 -11.37
C LYS B 67 -25.36 33.80 -12.11
N VAL B 68 -25.37 32.53 -11.64
CA VAL B 68 -24.61 31.43 -12.25
C VAL B 68 -25.10 31.20 -13.68
N VAL B 69 -26.44 31.10 -13.86
CA VAL B 69 -27.11 30.90 -15.16
C VAL B 69 -26.73 32.01 -16.13
N SER B 70 -26.79 33.27 -15.65
CA SER B 70 -26.44 34.46 -16.42
C SER B 70 -25.05 34.29 -17.03
N HIS B 71 -24.04 33.92 -16.20
CA HIS B 71 -22.69 33.72 -16.68
C HIS B 71 -22.54 32.51 -17.62
N CYS B 72 -23.35 31.44 -17.39
CA CYS B 72 -23.36 30.23 -18.23
C CYS B 72 -23.76 30.54 -19.67
N LEU B 73 -24.89 31.28 -19.86
CA LEU B 73 -25.39 31.71 -21.17
C LEU B 73 -24.35 32.58 -21.90
N GLU B 74 -23.76 33.53 -21.15
CA GLU B 74 -22.72 34.47 -21.60
C GLU B 74 -21.52 33.67 -22.11
N LEU B 75 -21.05 32.70 -21.29
CA LEU B 75 -19.92 31.81 -21.56
C LEU B 75 -20.15 30.93 -22.78
N GLY B 76 -21.42 30.68 -23.12
CA GLY B 76 -21.77 29.92 -24.31
C GLY B 76 -22.37 28.54 -24.13
N ALA B 77 -23.13 28.32 -23.03
CA ALA B 77 -23.83 27.04 -22.83
C ALA B 77 -24.89 26.95 -23.92
N ALA B 78 -25.17 25.76 -24.45
CA ALA B 78 -26.19 25.55 -25.48
C ALA B 78 -27.56 26.00 -24.93
N SER B 79 -27.78 25.71 -23.63
CA SER B 79 -28.88 26.16 -22.79
C SER B 79 -28.42 26.04 -21.33
N ALA B 80 -28.93 26.91 -20.46
CA ALA B 80 -28.60 26.97 -19.05
C ALA B 80 -29.86 27.37 -18.27
N HIS B 81 -30.25 26.54 -17.31
CA HIS B 81 -31.44 26.75 -16.50
C HIS B 81 -31.15 26.45 -15.06
N TYR B 82 -32.00 26.92 -14.16
CA TYR B 82 -31.88 26.64 -12.73
C TYR B 82 -33.22 26.24 -12.14
N ILE B 83 -33.20 25.41 -11.10
CA ILE B 83 -34.39 25.04 -10.33
C ILE B 83 -33.97 25.10 -8.87
N ALA B 84 -34.62 25.94 -8.06
CA ALA B 84 -34.28 26.05 -6.64
C ALA B 84 -35.15 25.15 -5.82
N GLY B 85 -34.54 24.62 -4.77
CA GLY B 85 -35.20 23.75 -3.80
C GLY B 85 -34.21 23.08 -2.88
N THR B 86 -34.72 22.41 -1.85
CA THR B 86 -33.90 21.74 -0.86
C THR B 86 -33.75 20.24 -1.11
N MET B 87 -32.53 19.73 -0.94
CA MET B 87 -32.22 18.32 -1.13
C MET B 87 -32.52 17.57 0.16
N GLU B 88 -33.16 18.27 1.12
CA GLU B 88 -33.68 17.80 2.40
C GLU B 88 -35.03 17.14 2.09
N ASP B 89 -35.71 17.63 1.02
CA ASP B 89 -37.01 17.19 0.48
C ASP B 89 -36.77 16.26 -0.71
N MET B 90 -37.08 14.96 -0.51
CA MET B 90 -36.89 13.91 -1.53
C MET B 90 -37.85 14.05 -2.69
N THR B 91 -39.00 14.73 -2.46
CA THR B 91 -39.95 14.99 -3.52
C THR B 91 -39.33 15.99 -4.48
N PHE B 92 -38.74 17.07 -3.93
CA PHE B 92 -38.06 18.04 -4.77
C PHE B 92 -36.99 17.33 -5.64
N ALA B 93 -36.12 16.50 -5.01
CA ALA B 93 -35.05 15.72 -5.63
C ALA B 93 -35.59 14.87 -6.78
N GLU B 94 -36.69 14.14 -6.53
CA GLU B 94 -37.35 13.29 -7.53
C GLU B 94 -37.87 14.14 -8.69
N GLN B 95 -38.53 15.29 -8.39
CA GLN B 95 -39.14 16.20 -9.36
C GLN B 95 -38.11 16.98 -10.19
N PHE B 96 -37.08 17.56 -9.55
CA PHE B 96 -35.99 18.32 -10.19
C PHE B 96 -35.37 17.59 -11.39
N VAL B 97 -35.06 16.29 -11.23
CA VAL B 97 -34.49 15.44 -12.28
C VAL B 97 -35.46 15.36 -13.47
N ALA B 98 -36.76 15.13 -13.18
CA ALA B 98 -37.78 15.02 -14.24
C ALA B 98 -37.88 16.35 -14.98
N GLN B 99 -37.88 17.44 -14.20
CA GLN B 99 -37.96 18.81 -14.68
C GLN B 99 -36.75 19.14 -15.50
N ALA B 100 -35.54 18.79 -15.00
CA ALA B 100 -34.26 19.03 -15.69
C ALA B 100 -34.23 18.28 -17.01
N GLY B 101 -34.66 17.01 -16.98
CA GLY B 101 -34.73 16.15 -18.15
C GLY B 101 -35.64 16.72 -19.22
N LYS B 102 -36.79 17.26 -18.79
CA LYS B 102 -37.78 17.90 -19.66
C LYS B 102 -37.13 19.09 -20.40
N LEU B 103 -36.43 19.99 -19.67
CA LEU B 103 -35.75 21.17 -20.22
C LEU B 103 -34.64 20.87 -21.22
N MET B 104 -33.86 19.81 -20.98
CA MET B 104 -32.75 19.50 -21.88
C MET B 104 -33.14 18.53 -22.97
N GLY B 105 -34.22 17.79 -22.75
CA GLY B 105 -34.70 16.78 -23.67
C GLY B 105 -33.86 15.53 -23.53
N GLY B 106 -33.58 15.16 -22.28
CA GLY B 106 -32.76 13.99 -21.95
C GLY B 106 -31.62 14.34 -21.03
N LEU B 107 -30.78 13.35 -20.71
CA LEU B 107 -29.67 13.52 -19.79
C LEU B 107 -28.47 12.62 -20.09
N ASP B 108 -27.27 13.21 -20.10
CA ASP B 108 -26.01 12.51 -20.35
C ASP B 108 -25.18 12.34 -19.08
N MET B 109 -25.08 13.40 -18.25
CA MET B 109 -24.28 13.36 -17.03
C MET B 109 -24.99 13.98 -15.83
N LEU B 110 -24.90 13.28 -14.68
CA LEU B 110 -25.50 13.70 -13.44
C LEU B 110 -24.41 13.93 -12.44
N ILE B 111 -24.14 15.20 -12.15
CA ILE B 111 -23.12 15.58 -11.17
C ILE B 111 -23.80 15.89 -9.85
N LEU B 112 -23.58 15.01 -8.86
CA LEU B 112 -24.10 15.11 -7.50
C LEU B 112 -22.97 15.74 -6.64
N ASN B 113 -23.15 16.99 -6.26
CA ASN B 113 -22.13 17.76 -5.58
C ASN B 113 -22.55 18.43 -4.25
N HIS B 114 -23.82 18.87 -4.11
CA HIS B 114 -24.41 19.53 -2.93
C HIS B 114 -24.10 18.82 -1.63
N ILE B 115 -24.05 19.59 -0.53
CA ILE B 115 -23.84 19.10 0.84
C ILE B 115 -24.54 20.03 1.80
N THR B 116 -24.97 19.50 2.96
CA THR B 116 -25.61 20.31 3.98
C THR B 116 -24.54 21.20 4.61
N ASN B 117 -24.93 22.38 5.08
CA ASN B 117 -24.02 23.32 5.72
C ASN B 117 -23.44 22.66 6.94
N THR B 118 -22.10 22.67 7.03
CA THR B 118 -21.38 22.01 8.11
C THR B 118 -20.23 22.84 8.67
N SER B 119 -19.84 22.58 9.95
CA SER B 119 -18.72 23.27 10.59
C SER B 119 -17.80 22.28 11.30
N LEU B 120 -16.51 22.64 11.45
CA LEU B 120 -15.53 21.82 12.17
C LEU B 120 -15.86 21.95 13.66
N ASN B 121 -16.41 20.87 14.25
CA ASN B 121 -16.80 20.84 15.67
C ASN B 121 -16.72 19.42 16.24
N LEU B 122 -16.40 19.30 17.53
CA LEU B 122 -16.38 17.99 18.20
C LEU B 122 -17.81 17.47 18.27
N PHE B 123 -18.03 16.20 17.97
CA PHE B 123 -19.37 15.65 18.04
C PHE B 123 -19.78 15.42 19.49
N HIS B 124 -20.98 15.84 19.83
CA HIS B 124 -21.45 15.64 21.19
C HIS B 124 -22.80 14.93 21.24
N ASP B 125 -23.83 15.57 20.73
CA ASP B 125 -25.16 15.02 20.85
C ASP B 125 -26.07 15.38 19.70
N ASP B 126 -25.52 16.01 18.66
CA ASP B 126 -26.32 16.50 17.54
C ASP B 126 -26.65 15.47 16.47
N ILE B 127 -27.61 14.61 16.82
CA ILE B 127 -28.20 13.58 15.96
C ILE B 127 -28.97 14.22 14.80
N HIS B 128 -29.57 15.40 15.03
CA HIS B 128 -30.33 16.14 14.03
C HIS B 128 -29.40 16.42 12.83
N HIS B 129 -28.19 16.90 13.12
CA HIS B 129 -27.14 17.17 12.15
C HIS B 129 -26.68 15.86 11.48
N VAL B 130 -26.46 14.78 12.29
CA VAL B 130 -26.06 13.45 11.78
C VAL B 130 -27.12 12.97 10.79
N ARG B 131 -28.41 13.09 11.16
CA ARG B 131 -29.52 12.72 10.27
C ARG B 131 -29.57 13.59 9.03
N LYS B 132 -29.44 14.92 9.20
CA LYS B 132 -29.46 15.89 8.08
C LYS B 132 -28.37 15.60 7.05
N SER B 133 -27.14 15.31 7.55
CA SER B 133 -25.97 14.96 6.73
C SER B 133 -26.30 13.71 5.92
N MET B 134 -26.93 12.69 6.56
CA MET B 134 -27.27 11.47 5.84
C MET B 134 -28.31 11.70 4.74
N GLU B 135 -29.30 12.52 5.03
CA GLU B 135 -30.38 12.83 4.11
C GLU B 135 -29.89 13.67 2.93
N VAL B 136 -29.23 14.80 3.21
CA VAL B 136 -28.75 15.73 2.19
C VAL B 136 -27.52 15.21 1.42
N ASN B 137 -26.46 14.79 2.14
CA ASN B 137 -25.20 14.37 1.50
C ASN B 137 -25.21 12.98 0.90
N PHE B 138 -26.14 12.10 1.36
CA PHE B 138 -26.19 10.72 0.90
C PHE B 138 -27.52 10.28 0.29
N LEU B 139 -28.55 10.19 1.12
CA LEU B 139 -29.89 9.76 0.74
C LEU B 139 -30.43 10.44 -0.51
N SER B 140 -30.31 11.78 -0.56
CA SER B 140 -30.76 12.55 -1.74
C SER B 140 -29.99 12.15 -3.00
N TYR B 141 -28.67 11.80 -2.88
CA TYR B 141 -27.90 11.38 -4.04
C TYR B 141 -28.49 10.09 -4.61
N VAL B 142 -28.96 9.20 -3.73
CA VAL B 142 -29.59 7.94 -4.14
C VAL B 142 -30.94 8.21 -4.87
N VAL B 143 -31.76 9.15 -4.33
CA VAL B 143 -33.06 9.53 -4.93
C VAL B 143 -32.86 10.12 -6.34
N LEU B 144 -31.83 10.96 -6.48
CA LEU B 144 -31.43 11.62 -7.71
C LEU B 144 -30.93 10.59 -8.72
N THR B 145 -30.20 9.57 -8.25
CA THR B 145 -29.72 8.48 -9.09
C THR B 145 -30.92 7.69 -9.66
N VAL B 146 -31.94 7.39 -8.83
CA VAL B 146 -33.13 6.62 -9.22
C VAL B 146 -33.94 7.33 -10.28
N ALA B 147 -34.13 8.63 -10.08
CA ALA B 147 -34.87 9.51 -11.00
C ALA B 147 -34.14 9.71 -12.33
N ALA B 148 -32.81 9.65 -12.30
CA ALA B 148 -32.00 9.93 -13.47
C ALA B 148 -31.54 8.70 -14.25
N LEU B 149 -31.64 7.53 -13.63
CA LEU B 149 -31.09 6.31 -14.23
C LEU B 149 -31.72 5.90 -15.57
N PRO B 150 -33.03 6.08 -15.72
CA PRO B 150 -33.68 5.74 -16.98
C PRO B 150 -33.15 6.57 -18.13
N MET B 151 -33.11 7.89 -17.95
CA MET B 151 -32.53 8.80 -18.94
C MET B 151 -31.04 8.51 -19.21
N LEU B 152 -30.27 8.15 -18.16
CA LEU B 152 -28.85 7.82 -18.32
C LEU B 152 -28.65 6.55 -19.12
N LYS B 153 -29.52 5.53 -18.88
CA LYS B 153 -29.48 4.25 -19.61
C LYS B 153 -29.65 4.50 -21.10
N GLN B 154 -30.59 5.40 -21.47
CA GLN B 154 -30.93 5.78 -22.85
C GLN B 154 -29.77 6.39 -23.57
N SER B 155 -28.92 7.16 -22.86
CA SER B 155 -27.76 7.84 -23.43
C SER B 155 -26.41 7.16 -23.09
N ASN B 156 -26.46 6.07 -22.28
CA ASN B 156 -25.25 5.37 -21.80
C ASN B 156 -24.37 6.38 -21.05
N GLY B 157 -25.07 7.17 -20.24
CA GLY B 157 -24.53 8.29 -19.50
C GLY B 157 -23.65 8.00 -18.31
N SER B 158 -23.46 9.04 -17.50
CA SER B 158 -22.55 9.03 -16.37
C SER B 158 -23.12 9.66 -15.12
N ILE B 159 -22.89 9.01 -13.95
CA ILE B 159 -23.18 9.53 -12.61
C ILE B 159 -21.84 10.00 -12.04
N VAL B 160 -21.78 11.25 -11.56
CA VAL B 160 -20.56 11.79 -10.97
C VAL B 160 -20.84 12.15 -9.49
N VAL B 161 -20.19 11.43 -8.59
CA VAL B 161 -20.35 11.60 -7.15
C VAL B 161 -19.15 12.37 -6.61
N VAL B 162 -19.40 13.54 -6.05
CA VAL B 162 -18.33 14.34 -5.48
C VAL B 162 -18.22 14.02 -3.96
N SER B 163 -17.08 13.42 -3.56
CA SER B 163 -16.79 13.02 -2.17
C SER B 163 -15.56 13.80 -1.63
N SER B 164 -14.92 13.30 -0.57
CA SER B 164 -13.80 13.95 0.09
C SER B 164 -12.78 12.91 0.61
N LEU B 165 -11.57 13.39 1.06
CA LEU B 165 -10.55 12.55 1.73
C LEU B 165 -11.19 12.04 3.05
N ALA B 166 -12.17 12.82 3.59
CA ALA B 166 -12.99 12.49 4.76
C ALA B 166 -13.91 11.28 4.47
N GLY B 167 -13.99 10.86 3.21
CA GLY B 167 -14.77 9.71 2.80
C GLY B 167 -13.94 8.55 2.37
N LYS B 168 -12.66 8.56 2.75
CA LYS B 168 -11.66 7.51 2.48
C LYS B 168 -10.79 7.25 3.71
N VAL B 169 -10.54 8.30 4.52
CA VAL B 169 -9.76 8.23 5.76
C VAL B 169 -10.53 8.99 6.87
N ALA B 170 -10.14 8.78 8.12
CA ALA B 170 -10.82 9.39 9.27
C ALA B 170 -10.21 10.73 9.71
N TYR B 171 -11.05 11.76 9.80
CA TYR B 171 -10.62 13.05 10.31
C TYR B 171 -11.44 13.44 11.54
N PRO B 172 -10.84 14.08 12.57
CA PRO B 172 -11.67 14.60 13.67
C PRO B 172 -12.39 15.89 13.23
N MET B 173 -13.43 16.32 14.00
CA MET B 173 -14.29 17.54 13.81
C MET B 173 -15.29 17.48 12.66
N VAL B 174 -15.36 16.33 11.93
CA VAL B 174 -16.27 16.10 10.78
C VAL B 174 -16.91 14.72 10.79
N ALA B 175 -17.31 14.20 11.98
CA ALA B 175 -17.89 12.86 12.11
C ALA B 175 -19.12 12.63 11.23
N ALA B 176 -20.18 13.48 11.35
CA ALA B 176 -21.42 13.36 10.54
C ALA B 176 -21.17 13.44 9.03
N TYR B 177 -20.22 14.32 8.63
CA TYR B 177 -19.80 14.57 7.27
C TYR B 177 -19.07 13.36 6.73
N SER B 178 -18.06 12.85 7.49
CA SER B 178 -17.24 11.68 7.17
C SER B 178 -18.15 10.48 6.87
N ALA B 179 -19.11 10.23 7.78
CA ALA B 179 -20.07 9.14 7.71
C ALA B 179 -20.86 9.19 6.44
N SER B 180 -21.34 10.38 6.04
CA SER B 180 -22.16 10.58 4.84
C SER B 180 -21.33 10.27 3.56
N LYS B 181 -20.11 10.83 3.48
CA LYS B 181 -19.14 10.64 2.42
C LYS B 181 -18.67 9.20 2.33
N PHE B 182 -18.48 8.52 3.49
CA PHE B 182 -18.13 7.09 3.53
C PHE B 182 -19.26 6.23 2.90
N ALA B 183 -20.53 6.54 3.21
CA ALA B 183 -21.71 5.87 2.69
C ALA B 183 -21.81 6.01 1.15
N LEU B 184 -21.40 7.17 0.60
CA LEU B 184 -21.41 7.37 -0.85
C LEU B 184 -20.51 6.32 -1.50
N ASP B 185 -19.27 6.11 -0.93
CA ASP B 185 -18.31 5.13 -1.44
C ASP B 185 -19.00 3.78 -1.38
N GLY B 186 -19.49 3.41 -0.20
CA GLY B 186 -20.16 2.15 0.05
C GLY B 186 -21.28 1.82 -0.91
N PHE B 187 -22.24 2.76 -1.08
CA PHE B 187 -23.37 2.61 -1.99
C PHE B 187 -22.96 2.59 -3.45
N PHE B 188 -22.47 3.71 -3.95
CA PHE B 188 -22.06 3.88 -5.33
C PHE B 188 -21.06 2.85 -5.84
N SER B 189 -20.02 2.50 -5.03
CA SER B 189 -19.08 1.46 -5.45
C SER B 189 -19.80 0.08 -5.58
N SER B 190 -20.92 -0.12 -4.85
CA SER B 190 -21.65 -1.36 -4.91
C SER B 190 -22.57 -1.47 -6.14
N ILE B 191 -23.24 -0.35 -6.51
CA ILE B 191 -24.08 -0.31 -7.72
C ILE B 191 -23.20 -0.33 -8.99
N ARG B 192 -21.95 0.13 -8.90
CA ARG B 192 -21.03 0.05 -10.04
C ARG B 192 -20.78 -1.43 -10.34
N LYS B 193 -20.52 -2.24 -9.28
CA LYS B 193 -20.34 -3.68 -9.43
C LYS B 193 -21.64 -4.28 -9.99
N GLU B 194 -22.81 -3.83 -9.49
CA GLU B 194 -24.11 -4.33 -9.96
C GLU B 194 -24.40 -3.94 -11.42
N TYR B 195 -23.93 -2.76 -11.85
CA TYR B 195 -24.10 -2.30 -13.22
C TYR B 195 -23.25 -3.12 -14.20
N SER B 196 -22.14 -3.64 -13.71
CA SER B 196 -21.27 -4.49 -14.49
C SER B 196 -21.93 -5.83 -14.77
N VAL B 197 -22.60 -6.38 -13.76
CA VAL B 197 -23.27 -7.67 -13.93
C VAL B 197 -24.62 -7.56 -14.63
N SER B 198 -25.34 -6.47 -14.41
CA SER B 198 -26.63 -6.28 -15.05
C SER B 198 -26.42 -5.75 -16.45
N ARG B 199 -25.16 -5.48 -16.77
CA ARG B 199 -24.74 -4.94 -18.07
C ARG B 199 -25.42 -3.54 -18.36
N VAL B 200 -25.45 -2.69 -17.31
CA VAL B 200 -26.02 -1.33 -17.31
C VAL B 200 -24.85 -0.40 -17.65
N ASN B 201 -24.91 0.21 -18.86
CA ASN B 201 -23.83 1.05 -19.38
C ASN B 201 -23.94 2.49 -18.92
N VAL B 202 -23.93 2.65 -17.61
CA VAL B 202 -23.93 3.94 -16.95
C VAL B 202 -22.65 3.96 -16.09
N SER B 203 -21.74 4.90 -16.34
CA SER B 203 -20.52 5.02 -15.53
C SER B 203 -20.79 5.74 -14.20
N ILE B 204 -19.97 5.40 -13.18
CA ILE B 204 -20.01 5.98 -11.83
C ILE B 204 -18.60 6.43 -11.44
N THR B 205 -18.44 7.76 -11.22
CA THR B 205 -17.16 8.36 -10.86
C THR B 205 -17.19 8.87 -9.42
N LEU B 206 -16.31 8.33 -8.57
CA LEU B 206 -16.21 8.81 -7.19
C LEU B 206 -15.03 9.75 -7.16
N CYS B 207 -15.29 11.02 -6.78
CA CYS B 207 -14.29 12.11 -6.74
C CYS B 207 -13.85 12.33 -5.31
N VAL B 208 -12.60 11.93 -5.00
CA VAL B 208 -12.00 12.04 -3.67
C VAL B 208 -11.19 13.35 -3.62
N LEU B 209 -11.76 14.39 -3.00
CA LEU B 209 -11.10 15.70 -3.00
C LEU B 209 -10.50 16.10 -1.68
N GLY B 210 -9.39 16.81 -1.80
CA GLY B 210 -8.71 17.45 -0.68
C GLY B 210 -9.25 18.85 -0.51
N LEU B 211 -8.60 19.63 0.35
CA LEU B 211 -8.99 21.02 0.63
C LEU B 211 -8.95 21.91 -0.62
N ILE B 212 -10.10 22.52 -0.97
CA ILE B 212 -10.30 23.39 -2.15
C ILE B 212 -10.66 24.79 -1.65
N ASP B 213 -10.16 25.81 -2.35
CA ASP B 213 -10.28 27.24 -1.99
C ASP B 213 -11.69 27.91 -2.12
N THR B 214 -12.75 27.14 -1.83
CA THR B 214 -14.12 27.63 -1.86
C THR B 214 -14.37 28.53 -0.64
N GLU B 215 -15.27 29.52 -0.77
CA GLU B 215 -15.61 30.46 0.30
C GLU B 215 -15.93 29.75 1.61
N THR B 216 -16.82 28.74 1.54
CA THR B 216 -17.29 27.87 2.63
C THR B 216 -16.14 27.11 3.34
N ALA B 217 -15.30 26.39 2.56
CA ALA B 217 -14.18 25.61 3.10
C ALA B 217 -13.25 26.51 3.82
N MET B 218 -12.82 27.61 3.16
CA MET B 218 -11.90 28.60 3.70
C MET B 218 -12.33 29.19 5.03
N LYS B 219 -13.60 29.60 5.16
CA LYS B 219 -14.17 30.13 6.41
C LYS B 219 -14.15 29.03 7.51
N ALA B 220 -14.54 27.80 7.16
CA ALA B 220 -14.62 26.66 8.05
C ALA B 220 -13.27 26.21 8.64
N VAL B 221 -12.21 26.26 7.81
CA VAL B 221 -10.85 25.80 8.15
C VAL B 221 -9.97 26.82 8.81
N SER B 222 -10.21 28.12 8.58
CA SER B 222 -9.46 29.26 9.15
C SER B 222 -9.29 29.11 10.67
N GLY B 223 -8.04 29.17 11.11
CA GLY B 223 -7.67 29.04 12.52
C GLY B 223 -7.58 27.61 13.02
N ILE B 224 -8.57 26.78 12.63
CA ILE B 224 -8.69 25.37 13.00
C ILE B 224 -7.63 24.50 12.30
N VAL B 225 -7.62 24.52 10.95
CA VAL B 225 -6.74 23.70 10.10
C VAL B 225 -5.82 24.58 9.25
N HIS B 226 -4.57 24.13 9.06
CA HIS B 226 -3.61 24.80 8.20
C HIS B 226 -2.96 23.79 7.25
N MET B 227 -3.30 23.91 5.95
CA MET B 227 -2.79 23.11 4.83
C MET B 227 -3.16 23.78 3.52
N GLN B 228 -2.38 23.59 2.46
CA GLN B 228 -2.64 24.16 1.15
C GLN B 228 -4.05 23.81 0.60
N ALA B 229 -4.70 24.80 -0.04
CA ALA B 229 -6.02 24.66 -0.63
C ALA B 229 -5.87 24.77 -2.13
N ALA B 230 -6.25 23.71 -2.84
CA ALA B 230 -6.15 23.60 -4.29
C ALA B 230 -7.14 24.54 -5.01
N PRO B 231 -6.82 25.02 -6.23
CA PRO B 231 -7.77 25.91 -6.93
C PRO B 231 -9.04 25.21 -7.40
N LYS B 232 -10.18 25.83 -7.11
CA LYS B 232 -11.51 25.34 -7.45
C LYS B 232 -11.78 25.22 -8.93
N GLU B 233 -11.15 26.09 -9.75
CA GLU B 233 -11.32 26.12 -11.22
C GLU B 233 -10.78 24.80 -11.81
N GLU B 234 -9.52 24.44 -11.45
CA GLU B 234 -8.85 23.22 -11.88
C GLU B 234 -9.53 21.99 -11.27
N CYS B 235 -9.93 22.08 -9.96
CA CYS B 235 -10.64 21.00 -9.25
C CYS B 235 -11.87 20.55 -10.03
N ALA B 236 -12.71 21.53 -10.43
CA ALA B 236 -13.92 21.32 -11.21
C ALA B 236 -13.62 20.64 -12.57
N LEU B 237 -12.53 21.08 -13.27
CA LEU B 237 -12.15 20.54 -14.59
C LEU B 237 -11.79 19.07 -14.49
N GLU B 238 -11.02 18.72 -13.45
CA GLU B 238 -10.63 17.36 -13.15
C GLU B 238 -11.86 16.47 -12.87
N ILE B 239 -12.86 17.00 -12.13
CA ILE B 239 -14.12 16.27 -11.85
C ILE B 239 -14.85 16.01 -13.18
N ILE B 240 -14.95 17.05 -14.06
CA ILE B 240 -15.60 16.91 -15.39
C ILE B 240 -14.80 15.94 -16.28
N LYS B 241 -13.45 16.02 -16.26
CA LYS B 241 -12.56 15.15 -17.03
C LYS B 241 -12.79 13.68 -16.67
N GLY B 242 -12.68 13.35 -15.37
CA GLY B 242 -12.88 12.01 -14.83
C GLY B 242 -14.20 11.39 -15.21
N GLY B 243 -15.28 12.20 -15.12
CA GLY B 243 -16.64 11.87 -15.51
C GLY B 243 -16.73 11.48 -16.98
N ALA B 244 -16.28 12.37 -17.90
CA ALA B 244 -16.27 12.16 -19.36
C ALA B 244 -15.44 10.97 -19.80
N LEU B 245 -14.34 10.70 -19.09
CA LEU B 245 -13.47 9.56 -19.40
C LEU B 245 -13.97 8.27 -18.76
N ARG B 246 -15.14 8.32 -18.06
CA ARG B 246 -15.79 7.18 -17.41
C ARG B 246 -14.89 6.49 -16.37
N GLN B 247 -13.99 7.27 -15.76
CA GLN B 247 -13.07 6.79 -14.72
C GLN B 247 -13.88 6.43 -13.48
N GLU B 248 -13.50 5.36 -12.78
CA GLU B 248 -14.17 4.92 -11.56
C GLU B 248 -13.89 5.92 -10.46
N GLU B 249 -12.65 6.38 -10.38
CA GLU B 249 -12.20 7.32 -9.35
C GLU B 249 -11.32 8.46 -9.84
N VAL B 250 -11.52 9.60 -9.18
CA VAL B 250 -10.79 10.84 -9.38
C VAL B 250 -10.23 11.18 -8.03
N TYR B 251 -8.97 11.56 -8.02
CA TYR B 251 -8.28 11.98 -6.82
C TYR B 251 -7.76 13.37 -7.10
N TYR B 252 -8.15 14.35 -6.28
CA TYR B 252 -7.67 15.72 -6.49
C TYR B 252 -7.29 16.38 -5.15
N ASP B 253 -6.03 16.87 -5.07
CA ASP B 253 -5.44 17.47 -3.87
C ASP B 253 -4.15 18.21 -4.24
N SER B 254 -3.73 19.17 -3.39
CA SER B 254 -2.49 19.94 -3.53
C SER B 254 -1.26 19.04 -3.35
N SER B 255 -1.30 18.20 -2.31
CA SER B 255 -0.21 17.28 -1.99
C SER B 255 -0.21 16.04 -2.88
N LEU B 256 0.95 15.40 -2.99
CA LEU B 256 1.11 14.31 -3.94
C LEU B 256 1.47 12.98 -3.30
N TRP B 257 1.57 12.98 -1.98
CA TRP B 257 1.59 11.74 -1.23
C TRP B 257 0.17 11.26 -1.23
N THR B 258 -0.71 12.22 -0.98
CA THR B 258 -2.14 11.97 -0.92
C THR B 258 -2.52 11.05 -2.06
N THR B 259 -2.55 11.60 -3.29
CA THR B 259 -2.92 10.98 -4.57
C THR B 259 -2.51 9.50 -4.67
N LEU B 260 -1.20 9.24 -4.46
CA LEU B 260 -0.59 7.91 -4.55
C LEU B 260 -0.98 6.96 -3.43
N LEU B 261 -0.91 7.42 -2.17
CA LEU B 261 -1.25 6.62 -0.99
C LEU B 261 -2.73 6.29 -0.84
N ILE B 262 -3.61 7.17 -1.34
CA ILE B 262 -5.05 7.02 -1.16
C ILE B 262 -5.71 5.87 -1.92
N ARG B 263 -5.09 5.38 -3.01
CA ARG B 263 -5.60 4.23 -3.79
C ARG B 263 -5.44 2.95 -2.93
N ASN B 264 -6.40 1.99 -3.00
CA ASN B 264 -6.31 0.77 -2.19
C ASN B 264 -6.25 -0.52 -3.02
N PRO B 265 -5.03 -1.04 -3.28
CA PRO B 265 -4.92 -2.30 -4.06
C PRO B 265 -5.46 -3.51 -3.31
N SER B 266 -5.33 -3.52 -1.97
CA SER B 266 -5.85 -4.58 -1.09
C SER B 266 -7.37 -4.66 -1.27
N ARG B 267 -8.00 -3.50 -1.39
CA ARG B 267 -9.44 -3.43 -1.61
C ARG B 267 -9.83 -4.00 -2.96
N LYS B 268 -9.06 -3.69 -4.00
CA LYS B 268 -9.37 -4.14 -5.35
C LYS B 268 -9.16 -5.65 -5.53
N ILE B 269 -8.24 -6.23 -4.77
CA ILE B 269 -8.05 -7.66 -4.80
C ILE B 269 -9.23 -8.29 -4.09
N LEU B 270 -9.37 -7.97 -2.81
CA LEU B 270 -10.52 -8.43 -2.02
C LEU B 270 -11.87 -8.37 -2.81
N GLU B 271 -12.03 -7.32 -3.67
CA GLU B 271 -13.18 -7.11 -4.55
C GLU B 271 -13.11 -8.11 -5.72
N PHE B 272 -12.17 -7.90 -6.65
CA PHE B 272 -12.01 -8.78 -7.81
C PHE B 272 -11.69 -10.22 -7.45
N LEU B 273 -10.53 -10.44 -6.85
CA LEU B 273 -10.11 -11.78 -6.48
C LEU B 273 -11.06 -12.37 -5.45
N TYR B 274 -12.36 -12.17 -5.68
CA TYR B 274 -13.40 -12.70 -4.82
C TYR B 274 -14.72 -12.16 -5.33
N SER B 275 -14.68 -11.70 -6.57
CA SER B 275 -15.84 -11.30 -7.34
C SER B 275 -16.32 -12.54 -8.07
N THR B 276 -15.40 -13.16 -8.81
CA THR B 276 -15.60 -14.38 -9.59
C THR B 276 -15.68 -15.61 -8.66
N SER B 277 -16.28 -15.42 -7.47
CA SER B 277 -16.47 -16.43 -6.42
C SER B 277 -17.91 -16.37 -5.85
N TYR B 278 -18.90 -16.16 -6.75
CA TYR B 278 -20.34 -16.11 -6.49
C TYR B 278 -21.13 -16.10 -7.81
N ASN B 279 -22.11 -17.00 -7.98
CA ASN B 279 -22.93 -17.10 -9.19
C ASN B 279 -24.29 -16.45 -8.97
N GLN C 14 12.40 -13.36 11.83
CA GLN C 14 13.01 -13.50 13.16
C GLN C 14 12.24 -12.78 14.29
N GLN C 15 12.44 -13.25 15.52
CA GLN C 15 11.81 -12.70 16.71
C GLN C 15 12.64 -11.57 17.37
N PRO C 16 12.19 -10.28 17.28
CA PRO C 16 12.93 -9.21 17.96
C PRO C 16 12.66 -9.22 19.47
N LEU C 17 13.60 -8.68 20.26
CA LEU C 17 13.47 -8.61 21.70
C LEU C 17 12.33 -7.70 22.12
N ASN C 18 11.32 -8.28 22.80
CA ASN C 18 10.17 -7.56 23.34
C ASN C 18 10.57 -6.99 24.71
N GLU C 19 11.58 -6.07 24.62
CA GLU C 19 12.26 -5.37 25.71
C GLU C 19 12.44 -3.91 25.33
N GLU C 20 12.80 -3.08 26.31
CA GLU C 20 13.11 -1.67 26.14
C GLU C 20 14.63 -1.63 26.00
N PHE C 21 15.16 -0.85 25.05
CA PHE C 21 16.59 -0.78 24.92
C PHE C 21 17.19 -0.17 26.16
N ARG C 22 18.25 -0.82 26.67
CA ARG C 22 19.04 -0.36 27.82
C ARG C 22 20.50 -0.41 27.42
N PRO C 23 21.30 0.61 27.78
CA PRO C 23 22.74 0.58 27.40
C PRO C 23 23.46 -0.64 27.96
N GLU C 24 22.94 -1.19 29.09
CA GLU C 24 23.47 -2.34 29.82
C GLU C 24 23.49 -3.60 28.95
N MET C 25 22.57 -3.67 27.96
CA MET C 25 22.50 -4.74 26.97
C MET C 25 23.82 -4.97 26.22
N LEU C 26 24.68 -3.94 26.14
CA LEU C 26 25.96 -4.04 25.42
C LEU C 26 27.17 -4.31 26.32
N GLN C 27 26.98 -4.17 27.65
CA GLN C 27 28.02 -4.38 28.66
C GLN C 27 28.69 -5.75 28.51
N GLY C 28 30.00 -5.71 28.18
CA GLY C 28 30.84 -6.89 28.01
C GLY C 28 30.59 -7.68 26.74
N LYS C 29 29.73 -7.13 25.80
CA LYS C 29 29.49 -7.76 24.49
C LYS C 29 30.72 -7.52 23.61
N LYS C 30 30.97 -8.46 22.71
CA LYS C 30 32.12 -8.49 21.82
C LYS C 30 31.64 -8.03 20.44
N VAL C 31 31.95 -6.77 20.11
CA VAL C 31 31.41 -6.14 18.90
C VAL C 31 32.49 -5.75 17.89
N ILE C 32 32.21 -5.98 16.61
CA ILE C 32 33.03 -5.53 15.48
C ILE C 32 32.30 -4.34 14.84
N VAL C 33 33.09 -3.30 14.49
CA VAL C 33 32.61 -2.12 13.77
C VAL C 33 33.56 -1.91 12.58
N THR C 34 33.02 -2.01 11.35
CA THR C 34 33.77 -1.79 10.13
C THR C 34 33.50 -0.32 9.78
N GLY C 35 34.42 0.33 9.07
CA GLY C 35 34.28 1.73 8.72
C GLY C 35 34.18 2.61 9.95
N ALA C 36 34.98 2.27 10.98
CA ALA C 36 34.96 2.93 12.26
C ALA C 36 35.97 4.04 12.47
N SER C 37 36.81 4.36 11.47
CA SER C 37 37.80 5.43 11.61
C SER C 37 37.16 6.81 11.56
N LYS C 38 36.01 6.93 10.88
CA LYS C 38 35.29 8.18 10.74
C LYS C 38 33.82 7.95 10.50
N GLY C 39 33.03 9.02 10.57
CA GLY C 39 31.60 9.00 10.33
C GLY C 39 30.78 8.29 11.39
N ILE C 40 29.72 7.61 10.94
CA ILE C 40 28.75 6.86 11.74
C ILE C 40 29.44 5.73 12.52
N GLY C 41 30.35 5.03 11.83
CA GLY C 41 31.12 3.92 12.38
C GLY C 41 31.92 4.31 13.61
N ARG C 42 32.53 5.51 13.57
CA ARG C 42 33.32 6.03 14.69
C ARG C 42 32.40 6.28 15.85
N GLU C 43 31.27 6.94 15.57
CA GLU C 43 30.25 7.24 16.58
C GLU C 43 29.71 5.99 17.27
N MET C 44 29.57 4.86 16.51
CA MET C 44 29.10 3.57 17.06
C MET C 44 30.12 2.98 18.00
N ALA C 45 31.43 3.16 17.71
CA ALA C 45 32.53 2.66 18.55
C ALA C 45 32.50 3.36 19.90
N TYR C 46 32.39 4.70 19.87
CA TYR C 46 32.29 5.58 21.03
C TYR C 46 31.08 5.24 21.88
N HIS C 47 29.94 5.02 21.22
CA HIS C 47 28.74 4.63 21.91
C HIS C 47 28.96 3.27 22.57
N LEU C 48 29.52 2.29 21.84
CA LEU C 48 29.76 0.97 22.41
C LEU C 48 30.79 0.99 23.56
N ALA C 49 31.79 1.89 23.45
CA ALA C 49 32.77 2.12 24.51
C ALA C 49 32.03 2.58 25.79
N LYS C 50 31.14 3.61 25.68
CA LYS C 50 30.36 4.15 26.79
C LYS C 50 29.52 3.08 27.47
N MET C 51 29.08 2.08 26.68
CA MET C 51 28.29 0.96 27.14
C MET C 51 29.11 -0.18 27.79
N GLY C 52 30.42 -0.01 27.85
CA GLY C 52 31.31 -0.99 28.48
C GLY C 52 31.52 -2.28 27.70
N ALA C 53 31.31 -2.22 26.38
CA ALA C 53 31.50 -3.35 25.48
C ALA C 53 32.97 -3.47 25.07
N HIS C 54 33.37 -4.68 24.58
CA HIS C 54 34.68 -4.96 23.97
C HIS C 54 34.43 -4.60 22.49
N VAL C 55 35.34 -3.78 21.90
CA VAL C 55 35.22 -3.36 20.49
C VAL C 55 36.50 -3.63 19.67
N VAL C 56 36.31 -4.12 18.45
CA VAL C 56 37.37 -4.29 17.46
C VAL C 56 36.94 -3.46 16.25
N VAL C 57 37.71 -2.41 15.97
CA VAL C 57 37.41 -1.50 14.87
C VAL C 57 38.37 -1.70 13.74
N THR C 58 37.95 -1.32 12.54
CA THR C 58 38.73 -1.46 11.31
C THR C 58 38.24 -0.41 10.33
N ALA C 59 39.17 -0.04 9.45
CA ALA C 59 39.11 0.90 8.34
C ALA C 59 40.55 0.90 7.79
N ARG C 60 40.86 1.71 6.77
CA ARG C 60 42.21 1.74 6.22
C ARG C 60 43.12 2.65 7.08
N SER C 61 42.59 3.79 7.57
CA SER C 61 43.33 4.78 8.38
C SER C 61 43.88 4.26 9.72
N LYS C 62 45.12 3.73 9.69
CA LYS C 62 45.83 3.24 10.87
C LYS C 62 45.97 4.30 12.01
N GLU C 63 46.45 5.54 11.68
CA GLU C 63 46.65 6.60 12.67
C GLU C 63 45.39 7.04 13.35
N THR C 64 44.31 7.23 12.56
CA THR C 64 42.97 7.64 13.04
C THR C 64 42.33 6.55 13.88
N LEU C 65 42.44 5.26 13.44
CA LEU C 65 41.92 4.10 14.19
C LEU C 65 42.55 4.02 15.58
N GLN C 66 43.87 4.26 15.69
CA GLN C 66 44.56 4.24 16.97
C GLN C 66 44.03 5.32 17.90
N LYS C 67 43.70 6.47 17.33
CA LYS C 67 43.15 7.60 18.07
C LYS C 67 41.73 7.31 18.54
N VAL C 68 40.97 6.52 17.77
CA VAL C 68 39.59 6.10 18.07
C VAL C 68 39.64 5.11 19.22
N VAL C 69 40.53 4.15 19.14
CA VAL C 69 40.78 3.12 20.14
C VAL C 69 41.17 3.75 21.50
N SER C 70 42.12 4.70 21.49
CA SER C 70 42.53 5.42 22.70
C SER C 70 41.34 6.21 23.28
N HIS C 71 40.46 6.75 22.39
CA HIS C 71 39.27 7.44 22.87
C HIS C 71 38.27 6.44 23.48
N CYS C 72 38.05 5.28 22.81
CA CYS C 72 37.19 4.19 23.30
C CYS C 72 37.59 3.74 24.71
N LEU C 73 38.89 3.59 24.95
CA LEU C 73 39.41 3.18 26.26
C LEU C 73 39.06 4.22 27.34
N GLU C 74 39.20 5.54 27.01
CA GLU C 74 38.84 6.66 27.91
C GLU C 74 37.36 6.67 28.20
N LEU C 75 36.54 6.27 27.22
CA LEU C 75 35.09 6.30 27.38
C LEU C 75 34.54 5.17 28.23
N GLY C 76 35.33 4.12 28.41
CA GLY C 76 34.95 3.01 29.29
C GLY C 76 34.76 1.65 28.65
N ALA C 77 35.29 1.45 27.42
CA ALA C 77 35.20 0.15 26.75
C ALA C 77 35.82 -0.93 27.65
N ALA C 78 35.31 -2.18 27.59
CA ALA C 78 35.89 -3.29 28.34
C ALA C 78 37.29 -3.51 27.77
N SER C 79 37.38 -3.50 26.42
CA SER C 79 38.61 -3.58 25.64
C SER C 79 38.37 -2.87 24.30
N ALA C 80 39.45 -2.43 23.62
CA ALA C 80 39.40 -1.78 22.31
C ALA C 80 40.65 -2.07 21.50
N HIS C 81 40.45 -2.53 20.27
CA HIS C 81 41.50 -2.88 19.35
C HIS C 81 41.11 -2.45 17.95
N TYR C 82 42.13 -2.23 17.11
CA TYR C 82 41.97 -1.87 15.71
C TYR C 82 42.78 -2.82 14.83
N ILE C 83 42.35 -3.05 13.58
CA ILE C 83 43.13 -3.81 12.59
C ILE C 83 42.99 -3.03 11.31
N ALA C 84 44.06 -2.40 10.84
CA ALA C 84 43.98 -1.60 9.62
C ALA C 84 44.09 -2.46 8.36
N GLY C 85 43.31 -2.11 7.35
CA GLY C 85 43.29 -2.78 6.06
C GLY C 85 42.17 -2.30 5.17
N THR C 86 42.18 -2.77 3.92
CA THR C 86 41.17 -2.44 2.91
C THR C 86 40.21 -3.61 2.77
N MET C 87 38.90 -3.28 2.67
CA MET C 87 37.85 -4.29 2.45
C MET C 87 37.72 -4.74 0.96
N GLU C 88 38.61 -4.23 0.09
CA GLU C 88 38.74 -4.62 -1.31
C GLU C 88 39.35 -6.01 -1.34
N ASP C 89 40.21 -6.28 -0.33
CA ASP C 89 40.98 -7.51 -0.12
C ASP C 89 40.13 -8.50 0.70
N MET C 90 39.57 -9.50 0.00
CA MET C 90 38.71 -10.52 0.61
C MET C 90 39.46 -11.42 1.60
N THR C 91 40.79 -11.51 1.45
CA THR C 91 41.68 -12.29 2.31
C THR C 91 41.80 -11.58 3.63
N PHE C 92 41.97 -10.24 3.58
CA PHE C 92 42.00 -9.38 4.75
C PHE C 92 40.68 -9.49 5.49
N ALA C 93 39.57 -9.42 4.76
CA ALA C 93 38.24 -9.53 5.39
C ALA C 93 38.13 -10.80 6.21
N GLU C 94 38.33 -11.99 5.62
CA GLU C 94 38.28 -13.23 6.42
C GLU C 94 39.32 -13.32 7.59
N GLN C 95 40.57 -12.90 7.33
CA GLN C 95 41.64 -12.83 8.33
C GLN C 95 41.33 -11.79 9.45
N PHE C 96 40.53 -10.75 9.14
CA PHE C 96 40.14 -9.73 10.11
C PHE C 96 39.22 -10.31 11.16
N VAL C 97 38.24 -11.13 10.75
CA VAL C 97 37.29 -11.70 11.72
C VAL C 97 38.00 -12.64 12.73
N ALA C 98 38.85 -13.55 12.20
CA ALA C 98 39.64 -14.51 12.99
C ALA C 98 40.40 -13.78 14.13
N GLN C 99 41.13 -12.70 13.78
CA GLN C 99 41.90 -11.91 14.73
C GLN C 99 41.02 -11.16 15.74
N ALA C 100 39.90 -10.56 15.26
CA ALA C 100 38.93 -9.82 16.08
C ALA C 100 38.32 -10.74 17.13
N GLY C 101 38.07 -11.98 16.72
CA GLY C 101 37.54 -13.02 17.60
C GLY C 101 38.54 -13.40 18.67
N LYS C 102 39.84 -13.48 18.30
CA LYS C 102 40.94 -13.81 19.22
C LYS C 102 41.19 -12.68 20.24
N LEU C 103 41.08 -11.43 19.79
CA LEU C 103 41.27 -10.26 20.64
C LEU C 103 40.21 -10.11 21.72
N MET C 104 38.95 -10.53 21.45
CA MET C 104 37.82 -10.39 22.38
C MET C 104 37.40 -11.72 23.01
N GLY C 105 37.82 -12.82 22.38
CA GLY C 105 37.53 -14.18 22.83
C GLY C 105 36.12 -14.53 22.46
N GLY C 106 35.76 -14.25 21.22
CA GLY C 106 34.42 -14.46 20.70
C GLY C 106 33.86 -13.24 20.01
N LEU C 107 32.59 -13.33 19.57
CA LEU C 107 31.87 -12.25 18.87
C LEU C 107 30.36 -12.31 19.12
N ASP C 108 29.78 -11.17 19.54
CA ASP C 108 28.35 -11.06 19.84
C ASP C 108 27.63 -10.26 18.78
N MET C 109 28.32 -9.30 18.17
CA MET C 109 27.70 -8.47 17.15
C MET C 109 28.73 -8.05 16.11
N LEU C 110 28.34 -8.22 14.84
CA LEU C 110 29.14 -7.84 13.69
C LEU C 110 28.40 -6.65 13.02
N ILE C 111 28.98 -5.43 13.13
CA ILE C 111 28.41 -4.20 12.54
C ILE C 111 29.18 -3.87 11.26
N LEU C 112 28.48 -4.11 10.13
CA LEU C 112 28.95 -3.99 8.75
C LEU C 112 28.48 -2.64 8.24
N ASN C 113 29.39 -1.67 8.31
CA ASN C 113 29.11 -0.27 8.04
C ASN C 113 29.93 0.42 6.94
N HIS C 114 31.17 -0.05 6.65
CA HIS C 114 32.06 0.56 5.65
C HIS C 114 31.49 0.55 4.23
N ILE C 115 31.93 1.50 3.43
CA ILE C 115 31.62 1.61 2.02
C ILE C 115 32.84 2.12 1.32
N THR C 116 32.94 1.88 0.02
CA THR C 116 33.98 2.51 -0.78
C THR C 116 33.54 3.98 -1.02
N ASN C 117 34.50 4.88 -1.20
CA ASN C 117 34.30 6.32 -1.45
C ASN C 117 33.48 6.57 -2.72
N THR C 118 32.38 7.34 -2.58
CA THR C 118 31.40 7.66 -3.62
C THR C 118 31.12 9.17 -3.70
N SER C 119 30.90 9.66 -4.92
CA SER C 119 30.56 11.04 -5.22
C SER C 119 29.27 11.03 -6.05
N LEU C 120 28.53 12.15 -6.08
CA LEU C 120 27.30 12.19 -6.87
C LEU C 120 27.72 12.46 -8.31
N ASN C 121 27.58 11.46 -9.20
CA ASN C 121 27.95 11.57 -10.61
C ASN C 121 27.06 10.74 -11.52
N LEU C 122 26.75 11.24 -12.72
CA LEU C 122 25.96 10.48 -13.68
C LEU C 122 26.79 9.30 -14.14
N PHE C 123 26.13 8.22 -14.51
CA PHE C 123 26.81 7.04 -14.98
C PHE C 123 27.10 7.15 -16.49
N HIS C 124 28.36 6.89 -16.86
CA HIS C 124 28.76 6.88 -18.27
C HIS C 124 29.28 5.50 -18.63
N ASP C 125 30.52 5.21 -18.26
CA ASP C 125 31.14 3.92 -18.54
C ASP C 125 32.10 3.53 -17.42
N ASP C 126 31.71 3.88 -16.19
CA ASP C 126 32.47 3.64 -14.98
C ASP C 126 32.18 2.26 -14.36
N ILE C 127 32.51 1.21 -15.12
CA ILE C 127 32.36 -0.17 -14.70
C ILE C 127 33.33 -0.50 -13.54
N HIS C 128 34.49 0.20 -13.47
CA HIS C 128 35.45 0.02 -12.38
C HIS C 128 34.78 0.39 -11.05
N HIS C 129 34.09 1.54 -11.03
CA HIS C 129 33.35 2.01 -9.88
C HIS C 129 32.17 1.09 -9.51
N VAL C 130 31.51 0.46 -10.51
CA VAL C 130 30.40 -0.48 -10.30
C VAL C 130 30.92 -1.75 -9.63
N ARG C 131 31.99 -2.35 -10.18
CA ARG C 131 32.68 -3.54 -9.68
C ARG C 131 33.28 -3.26 -8.29
N LYS C 132 33.92 -2.07 -8.10
CA LYS C 132 34.53 -1.76 -6.79
C LYS C 132 33.49 -1.60 -5.71
N SER C 133 32.40 -0.87 -6.03
CA SER C 133 31.28 -0.65 -5.11
C SER C 133 30.74 -1.96 -4.66
N MET C 134 30.51 -2.90 -5.59
CA MET C 134 29.99 -4.25 -5.30
C MET C 134 30.96 -5.07 -4.43
N GLU C 135 32.27 -4.98 -4.71
CA GLU C 135 33.28 -5.69 -3.94
C GLU C 135 33.31 -5.20 -2.48
N VAL C 136 33.53 -3.88 -2.30
CA VAL C 136 33.64 -3.22 -1.00
C VAL C 136 32.31 -3.17 -0.22
N ASN C 137 31.25 -2.63 -0.85
CA ASN C 137 29.95 -2.40 -0.21
C ASN C 137 29.09 -3.60 0.03
N PHE C 138 29.28 -4.67 -0.77
CA PHE C 138 28.43 -5.85 -0.65
C PHE C 138 29.18 -7.15 -0.47
N LEU C 139 30.15 -7.42 -1.35
CA LEU C 139 30.90 -8.67 -1.30
C LEU C 139 31.70 -8.95 -0.03
N SER C 140 32.43 -7.91 0.46
CA SER C 140 33.19 -8.01 1.70
C SER C 140 32.26 -8.27 2.89
N TYR C 141 30.97 -7.89 2.75
CA TYR C 141 29.96 -8.05 3.81
C TYR C 141 29.58 -9.53 3.91
N VAL C 142 29.40 -10.21 2.75
CA VAL C 142 29.09 -11.64 2.67
C VAL C 142 30.32 -12.40 3.24
N VAL C 143 31.54 -12.03 2.79
CA VAL C 143 32.81 -12.62 3.25
C VAL C 143 32.96 -12.48 4.78
N LEU C 144 32.77 -11.25 5.31
CA LEU C 144 32.82 -10.98 6.77
C LEU C 144 31.75 -11.81 7.51
N THR C 145 30.57 -11.94 6.91
CA THR C 145 29.48 -12.72 7.46
C THR C 145 29.88 -14.20 7.58
N VAL C 146 30.44 -14.78 6.51
CA VAL C 146 30.84 -16.18 6.48
C VAL C 146 31.87 -16.51 7.60
N ALA C 147 32.85 -15.61 7.80
CA ALA C 147 33.88 -15.81 8.80
C ALA C 147 33.36 -15.66 10.24
N ALA C 148 32.36 -14.79 10.42
CA ALA C 148 31.85 -14.48 11.74
C ALA C 148 30.70 -15.37 12.19
N LEU C 149 30.16 -16.16 11.27
CA LEU C 149 28.98 -16.96 11.55
C LEU C 149 29.15 -18.02 12.64
N PRO C 150 30.28 -18.71 12.64
CA PRO C 150 30.53 -19.74 13.65
C PRO C 150 30.52 -19.17 15.06
N MET C 151 31.14 -18.02 15.25
CA MET C 151 31.19 -17.35 16.54
C MET C 151 29.83 -16.75 16.89
N LEU C 152 29.10 -16.30 15.87
CA LEU C 152 27.79 -15.71 16.07
C LEU C 152 26.74 -16.76 16.40
N LYS C 153 26.92 -17.96 15.88
CA LYS C 153 26.03 -19.07 16.17
C LYS C 153 26.25 -19.53 17.62
N GLN C 154 27.48 -19.35 18.12
CA GLN C 154 27.89 -19.74 19.46
C GLN C 154 27.33 -18.81 20.52
N SER C 155 27.17 -17.52 20.19
CA SER C 155 26.65 -16.52 21.11
C SER C 155 25.17 -16.19 20.89
N ASN C 156 24.55 -16.73 19.82
CA ASN C 156 23.19 -16.40 19.34
C ASN C 156 23.19 -14.87 19.01
N GLY C 157 24.31 -14.43 18.42
CA GLY C 157 24.62 -13.05 18.08
C GLY C 157 23.84 -12.40 16.96
N SER C 158 24.24 -11.16 16.63
CA SER C 158 23.59 -10.31 15.64
C SER C 158 24.49 -9.76 14.56
N ILE C 159 23.94 -9.69 13.32
CA ILE C 159 24.54 -9.08 12.14
C ILE C 159 23.79 -7.77 11.85
N VAL C 160 24.50 -6.62 11.89
CA VAL C 160 23.90 -5.30 11.64
C VAL C 160 24.48 -4.77 10.33
N VAL C 161 23.62 -4.63 9.32
CA VAL C 161 23.99 -4.21 7.97
C VAL C 161 23.48 -2.79 7.76
N VAL C 162 24.39 -1.86 7.52
CA VAL C 162 24.05 -0.45 7.31
C VAL C 162 23.76 -0.17 5.87
N SER C 163 22.47 0.05 5.57
CA SER C 163 22.05 0.42 4.23
C SER C 163 21.62 1.89 4.19
N SER C 164 20.96 2.29 3.11
CA SER C 164 20.61 3.66 2.79
C SER C 164 19.22 3.69 2.13
N LEU C 165 18.61 4.90 2.01
CA LEU C 165 17.36 5.11 1.28
C LEU C 165 17.59 4.73 -0.18
N ALA C 166 18.86 4.95 -0.66
CA ALA C 166 19.31 4.58 -2.00
C ALA C 166 19.36 3.06 -2.18
N GLY C 167 19.24 2.33 -1.10
CA GLY C 167 19.21 0.87 -1.15
C GLY C 167 17.81 0.33 -1.03
N LYS C 168 16.79 1.20 -1.21
CA LYS C 168 15.36 0.84 -1.12
C LYS C 168 14.57 1.45 -2.27
N VAL C 169 14.95 2.69 -2.64
CA VAL C 169 14.35 3.47 -3.74
C VAL C 169 15.45 3.89 -4.74
N ALA C 170 15.06 4.46 -5.89
CA ALA C 170 16.02 4.86 -6.89
C ALA C 170 16.26 6.36 -7.00
N TYR C 171 17.55 6.76 -6.97
CA TYR C 171 17.96 8.16 -7.12
C TYR C 171 18.98 8.26 -8.24
N PRO C 172 19.00 9.33 -9.05
CA PRO C 172 20.09 9.46 -10.03
C PRO C 172 21.41 9.80 -9.30
N MET C 173 22.54 9.88 -10.04
CA MET C 173 23.87 10.22 -9.51
C MET C 173 24.50 9.17 -8.60
N VAL C 174 23.73 8.16 -8.13
CA VAL C 174 24.23 7.15 -7.18
C VAL C 174 24.05 5.72 -7.64
N ALA C 175 24.09 5.50 -8.97
CA ALA C 175 23.88 4.20 -9.60
C ALA C 175 24.65 3.01 -9.04
N ALA C 176 26.00 3.09 -8.99
CA ALA C 176 26.87 2.01 -8.48
C ALA C 176 26.60 1.70 -7.02
N TYR C 177 26.40 2.75 -6.19
CA TYR C 177 26.10 2.71 -4.74
C TYR C 177 24.76 2.03 -4.48
N SER C 178 23.72 2.46 -5.19
CA SER C 178 22.37 1.92 -5.06
C SER C 178 22.34 0.43 -5.32
N ALA C 179 23.00 -0.05 -6.38
CA ALA C 179 23.02 -1.46 -6.73
C ALA C 179 23.59 -2.31 -5.60
N SER C 180 24.73 -1.86 -5.02
CA SER C 180 25.42 -2.55 -3.92
C SER C 180 24.58 -2.60 -2.64
N LYS C 181 23.86 -1.49 -2.35
CA LYS C 181 22.95 -1.34 -1.22
C LYS C 181 21.71 -2.21 -1.44
N PHE C 182 21.22 -2.25 -2.70
CA PHE C 182 20.07 -3.09 -3.08
C PHE C 182 20.45 -4.58 -2.90
N ALA C 183 21.69 -4.96 -3.32
CA ALA C 183 22.25 -6.32 -3.20
C ALA C 183 22.28 -6.79 -1.72
N LEU C 184 22.67 -5.90 -0.79
CA LEU C 184 22.70 -6.19 0.65
C LEU C 184 21.31 -6.62 1.15
N ASP C 185 20.24 -5.89 0.69
CA ASP C 185 18.85 -6.16 1.03
C ASP C 185 18.47 -7.53 0.50
N GLY C 186 18.73 -7.78 -0.77
CA GLY C 186 18.39 -9.05 -1.40
C GLY C 186 19.02 -10.23 -0.71
N PHE C 187 20.33 -10.14 -0.39
CA PHE C 187 21.08 -11.20 0.27
C PHE C 187 20.68 -11.42 1.72
N PHE C 188 20.91 -10.41 2.60
CA PHE C 188 20.66 -10.52 4.03
C PHE C 188 19.20 -10.85 4.42
N SER C 189 18.22 -10.35 3.64
CA SER C 189 16.80 -10.63 3.86
C SER C 189 16.48 -12.08 3.47
N SER C 190 17.19 -12.62 2.45
CA SER C 190 17.03 -14.01 2.02
C SER C 190 17.68 -14.96 3.02
N ILE C 191 18.89 -14.64 3.54
CA ILE C 191 19.50 -15.48 4.57
C ILE C 191 18.72 -15.36 5.90
N ARG C 192 18.05 -14.21 6.14
CA ARG C 192 17.21 -14.03 7.33
C ARG C 192 16.07 -15.06 7.33
N LYS C 193 15.40 -15.26 6.16
CA LYS C 193 14.34 -16.27 5.94
C LYS C 193 14.90 -17.69 6.20
N GLU C 194 16.07 -17.97 5.61
CA GLU C 194 16.82 -19.22 5.70
C GLU C 194 17.11 -19.56 7.16
N TYR C 195 17.65 -18.58 7.94
CA TYR C 195 18.00 -18.78 9.36
C TYR C 195 16.74 -18.97 10.22
N SER C 196 15.66 -18.26 9.87
CA SER C 196 14.38 -18.35 10.57
C SER C 196 13.79 -19.74 10.47
N VAL C 197 13.98 -20.39 9.32
CA VAL C 197 13.48 -21.73 9.07
C VAL C 197 14.45 -22.82 9.51
N SER C 198 15.76 -22.68 9.22
CA SER C 198 16.79 -23.65 9.61
C SER C 198 17.14 -23.54 11.09
N ARG C 199 16.41 -22.67 11.82
CA ARG C 199 16.57 -22.41 13.25
C ARG C 199 18.01 -21.98 13.69
N VAL C 200 18.54 -20.95 13.00
CA VAL C 200 19.84 -20.34 13.32
C VAL C 200 19.49 -19.05 14.05
N ASN C 201 19.73 -19.03 15.39
CA ASN C 201 19.38 -17.90 16.24
C ASN C 201 20.40 -16.74 16.14
N VAL C 202 20.59 -16.26 14.90
CA VAL C 202 21.44 -15.13 14.56
C VAL C 202 20.56 -14.06 13.92
N SER C 203 20.48 -12.90 14.56
CA SER C 203 19.63 -11.82 14.10
C SER C 203 20.31 -11.06 12.94
N ILE C 204 19.49 -10.42 12.06
CA ILE C 204 19.90 -9.65 10.90
C ILE C 204 19.12 -8.34 10.83
N THR C 205 19.82 -7.23 11.08
CA THR C 205 19.26 -5.88 11.08
C THR C 205 19.76 -5.12 9.87
N LEU C 206 18.84 -4.69 8.99
CA LEU C 206 19.19 -3.89 7.82
C LEU C 206 18.78 -2.47 8.13
N CYS C 207 19.76 -1.58 8.26
CA CYS C 207 19.53 -0.17 8.62
C CYS C 207 19.32 0.64 7.39
N VAL C 208 18.23 1.42 7.33
CA VAL C 208 17.92 2.26 6.17
C VAL C 208 18.06 3.70 6.60
N LEU C 209 19.17 4.32 6.22
CA LEU C 209 19.47 5.69 6.62
C LEU C 209 19.24 6.72 5.54
N GLY C 210 18.68 7.87 5.97
CA GLY C 210 18.51 9.05 5.16
C GLY C 210 19.79 9.85 5.25
N LEU C 211 19.76 11.14 4.93
CA LEU C 211 20.98 11.93 4.99
C LEU C 211 21.48 12.19 6.44
N ILE C 212 22.74 11.83 6.68
CA ILE C 212 23.41 11.95 7.98
C ILE C 212 24.56 12.94 7.83
N ASP C 213 24.77 13.79 8.85
CA ASP C 213 25.76 14.88 8.87
C ASP C 213 27.24 14.42 8.92
N THR C 214 27.62 13.39 8.13
CA THR C 214 29.03 13.01 8.12
C THR C 214 29.75 13.94 7.11
N GLU C 215 31.05 14.22 7.34
CA GLU C 215 31.86 15.07 6.46
C GLU C 215 31.85 14.56 5.02
N THR C 216 31.95 13.22 4.84
CA THR C 216 31.94 12.56 3.54
C THR C 216 30.68 12.85 2.77
N ALA C 217 29.50 12.70 3.42
CA ALA C 217 28.18 12.96 2.82
C ALA C 217 27.94 14.45 2.63
N MET C 218 28.30 15.30 3.62
CA MET C 218 28.09 16.76 3.54
C MET C 218 28.88 17.35 2.38
N LYS C 219 30.12 16.88 2.17
CA LYS C 219 30.97 17.28 1.06
C LYS C 219 30.29 16.80 -0.26
N ALA C 220 29.90 15.50 -0.31
CA ALA C 220 29.27 14.84 -1.44
C ALA C 220 27.99 15.46 -1.95
N VAL C 221 27.20 16.13 -1.08
CA VAL C 221 25.94 16.75 -1.50
C VAL C 221 25.98 18.27 -1.57
N SER C 222 27.10 18.90 -1.14
CA SER C 222 27.32 20.37 -1.12
C SER C 222 26.84 21.14 -2.36
N GLY C 223 27.07 20.58 -3.55
CA GLY C 223 26.68 21.18 -4.81
C GLY C 223 25.23 20.97 -5.21
N ILE C 224 24.42 20.37 -4.33
CA ILE C 224 22.99 20.14 -4.58
C ILE C 224 22.12 20.63 -3.42
N VAL C 225 20.82 20.86 -3.70
CA VAL C 225 19.87 21.27 -2.66
C VAL C 225 19.38 20.00 -1.94
N HIS C 226 19.48 20.00 -0.61
CA HIS C 226 19.09 18.83 0.16
C HIS C 226 18.30 19.18 1.41
N MET C 227 17.66 18.15 1.95
CA MET C 227 16.87 18.15 3.18
C MET C 227 17.82 18.30 4.38
N GLN C 228 17.28 18.47 5.60
CA GLN C 228 18.12 18.58 6.79
C GLN C 228 18.86 17.26 7.05
N ALA C 229 20.17 17.35 7.30
CA ALA C 229 20.98 16.16 7.59
C ALA C 229 20.79 15.78 9.07
N ALA C 230 20.48 14.50 9.33
CA ALA C 230 20.29 14.01 10.69
C ALA C 230 21.63 13.91 11.45
N PRO C 231 21.66 14.02 12.80
CA PRO C 231 22.95 13.93 13.51
C PRO C 231 23.53 12.51 13.57
N LYS C 232 24.83 12.39 13.29
CA LYS C 232 25.58 11.13 13.30
C LYS C 232 25.57 10.39 14.62
N GLU C 233 25.70 11.12 15.74
CA GLU C 233 25.72 10.57 17.11
C GLU C 233 24.43 9.81 17.40
N GLU C 234 23.27 10.40 17.13
CA GLU C 234 21.96 9.77 17.37
C GLU C 234 21.72 8.54 16.43
N CYS C 235 22.09 8.70 15.14
CA CYS C 235 22.02 7.70 14.07
C CYS C 235 22.69 6.45 14.54
N ALA C 236 23.98 6.55 14.88
CA ALA C 236 24.85 5.51 15.41
C ALA C 236 24.21 4.76 16.59
N LEU C 237 23.68 5.50 17.59
CA LEU C 237 23.01 4.93 18.75
C LEU C 237 21.79 4.11 18.31
N GLU C 238 20.98 4.65 17.38
CA GLU C 238 19.80 3.99 16.82
C GLU C 238 20.18 2.75 16.01
N ILE C 239 21.40 2.72 15.44
CA ILE C 239 21.84 1.54 14.71
C ILE C 239 22.08 0.43 15.75
N ILE C 240 22.73 0.80 16.88
CA ILE C 240 22.99 -0.09 18.01
C ILE C 240 21.69 -0.59 18.67
N LYS C 241 20.72 0.31 18.97
CA LYS C 241 19.45 -0.14 19.60
C LYS C 241 18.76 -1.19 18.72
N GLY C 242 18.63 -0.91 17.42
CA GLY C 242 18.01 -1.83 16.48
C GLY C 242 18.65 -3.20 16.50
N GLY C 243 19.96 -3.23 16.43
CA GLY C 243 20.76 -4.45 16.45
C GLY C 243 20.62 -5.18 17.77
N ALA C 244 20.79 -4.45 18.90
CA ALA C 244 20.66 -4.97 20.27
C ALA C 244 19.27 -5.58 20.48
N LEU C 245 18.22 -4.91 19.95
CA LEU C 245 16.82 -5.34 20.02
C LEU C 245 16.43 -6.44 19.03
N ARG C 246 17.39 -6.91 18.19
CA ARG C 246 17.15 -7.96 17.19
C ARG C 246 16.04 -7.61 16.16
N GLN C 247 15.90 -6.31 15.85
CA GLN C 247 14.93 -5.84 14.86
C GLN C 247 15.42 -6.16 13.43
N GLU C 248 14.50 -6.53 12.54
CA GLU C 248 14.82 -6.84 11.15
C GLU C 248 15.34 -5.61 10.41
N GLU C 249 14.66 -4.48 10.59
CA GLU C 249 14.99 -3.25 9.92
C GLU C 249 14.89 -2.08 10.85
N VAL C 250 15.75 -1.10 10.62
CA VAL C 250 15.86 0.14 11.36
C VAL C 250 15.79 1.27 10.35
N TYR C 251 15.02 2.29 10.68
CA TYR C 251 14.88 3.43 9.79
C TYR C 251 15.35 4.61 10.58
N TYR C 252 16.19 5.44 9.97
CA TYR C 252 16.67 6.66 10.61
C TYR C 252 16.77 7.79 9.60
N ASP C 253 16.10 8.91 9.91
CA ASP C 253 16.03 10.11 9.09
C ASP C 253 15.57 11.30 9.92
N SER C 254 15.83 12.54 9.43
CA SER C 254 15.44 13.82 10.03
C SER C 254 13.92 14.00 10.01
N SER C 255 13.25 13.24 9.13
CA SER C 255 11.81 13.34 8.89
C SER C 255 11.10 12.05 9.27
N LEU C 256 9.98 12.18 9.99
CA LEU C 256 9.15 11.04 10.35
C LEU C 256 8.45 10.59 9.07
N TRP C 257 8.05 11.55 8.22
CA TRP C 257 7.41 11.33 6.91
C TRP C 257 8.19 10.34 6.09
N THR C 258 9.52 10.55 6.00
CA THR C 258 10.48 9.70 5.28
C THR C 258 10.47 8.26 5.83
N THR C 259 10.50 8.13 7.17
CA THR C 259 10.48 6.84 7.87
C THR C 259 9.17 6.07 7.72
N LEU C 260 8.02 6.77 7.63
CA LEU C 260 6.73 6.12 7.45
C LEU C 260 6.59 5.54 6.05
N LEU C 261 7.18 6.25 5.08
CA LEU C 261 7.14 5.88 3.67
C LEU C 261 8.10 4.74 3.35
N ILE C 262 9.03 4.48 4.24
CA ILE C 262 10.06 3.48 4.01
C ILE C 262 9.52 2.04 4.10
N ARG C 263 8.67 1.79 5.08
CA ARG C 263 8.11 0.46 5.27
C ARG C 263 7.33 -0.02 4.06
N ASN C 264 7.49 -1.30 3.73
CA ASN C 264 6.82 -1.91 2.58
C ASN C 264 5.92 -3.09 3.05
N PRO C 265 4.65 -2.79 3.42
CA PRO C 265 3.75 -3.86 3.94
C PRO C 265 3.35 -4.91 2.92
N SER C 266 3.38 -4.57 1.62
CA SER C 266 3.05 -5.44 0.50
C SER C 266 4.05 -6.59 0.31
N ARG C 267 5.36 -6.27 0.39
CA ARG C 267 6.47 -7.22 0.32
C ARG C 267 6.34 -8.13 1.55
N LYS C 268 6.10 -7.57 2.74
CA LYS C 268 5.92 -8.34 3.96
C LYS C 268 4.83 -9.42 3.72
N ILE C 269 3.68 -9.03 3.08
CA ILE C 269 2.58 -9.95 2.74
C ILE C 269 3.01 -11.01 1.74
N LEU C 270 3.58 -10.62 0.58
CA LEU C 270 4.02 -11.56 -0.44
C LEU C 270 5.00 -12.53 0.14
N GLU C 271 5.98 -12.05 0.91
CA GLU C 271 6.94 -12.90 1.60
C GLU C 271 6.27 -14.04 2.37
N PHE C 272 5.27 -13.70 3.17
CA PHE C 272 4.38 -14.65 3.85
C PHE C 272 3.67 -15.60 2.87
N LEU C 273 3.06 -15.02 1.85
CA LEU C 273 2.33 -15.74 0.82
C LEU C 273 3.15 -16.83 0.16
N TYR C 274 4.46 -16.63 0.11
CA TYR C 274 5.34 -17.54 -0.60
C TYR C 274 6.01 -18.53 0.32
N SER C 275 5.97 -18.25 1.61
CA SER C 275 6.58 -19.14 2.60
C SER C 275 5.63 -20.27 2.94
N GLN D 14 10.70 7.97 -17.05
CA GLN D 14 10.49 7.88 -18.48
C GLN D 14 9.00 7.85 -18.90
N GLN D 15 8.71 8.29 -20.14
CA GLN D 15 7.36 8.27 -20.69
C GLN D 15 7.12 7.07 -21.63
N PRO D 16 6.25 6.12 -21.20
CA PRO D 16 5.95 4.95 -22.05
C PRO D 16 5.06 5.31 -23.24
N LEU D 17 5.02 4.43 -24.28
CA LEU D 17 4.18 4.60 -25.46
C LEU D 17 2.72 4.38 -25.11
N ASN D 18 1.91 5.46 -25.20
CA ASN D 18 0.47 5.44 -24.89
C ASN D 18 -0.30 5.00 -26.14
N GLU D 19 -0.27 3.69 -26.40
CA GLU D 19 -0.92 2.97 -27.51
C GLU D 19 -0.92 1.46 -27.24
N GLU D 20 -1.71 0.71 -28.02
CA GLU D 20 -1.83 -0.73 -27.88
C GLU D 20 -0.67 -1.37 -28.60
N PHE D 21 -0.18 -2.48 -28.04
CA PHE D 21 0.88 -3.25 -28.65
C PHE D 21 0.42 -3.87 -29.97
N ARG D 22 1.19 -3.62 -31.03
CA ARG D 22 0.98 -4.14 -32.36
C ARG D 22 2.25 -4.91 -32.70
N PRO D 23 2.17 -6.18 -33.18
CA PRO D 23 3.41 -6.90 -33.53
C PRO D 23 4.37 -6.12 -34.46
N GLU D 24 3.81 -5.22 -35.31
CA GLU D 24 4.48 -4.34 -36.28
C GLU D 24 5.59 -3.49 -35.66
N MET D 25 5.41 -3.09 -34.38
CA MET D 25 6.36 -2.30 -33.60
C MET D 25 7.78 -2.89 -33.64
N LEU D 26 7.90 -4.20 -33.93
CA LEU D 26 9.14 -4.97 -33.98
C LEU D 26 9.66 -5.30 -35.38
N GLN D 27 8.85 -5.04 -36.43
CA GLN D 27 9.23 -5.29 -37.82
C GLN D 27 10.47 -4.47 -38.21
N GLY D 28 11.54 -5.19 -38.55
CA GLY D 28 12.82 -4.62 -38.95
C GLY D 28 13.60 -3.94 -37.84
N LYS D 29 13.23 -4.21 -36.58
CA LYS D 29 13.91 -3.64 -35.42
C LYS D 29 15.09 -4.52 -35.10
N LYS D 30 16.23 -3.89 -34.79
CA LYS D 30 17.50 -4.56 -34.47
C LYS D 30 17.56 -4.86 -32.94
N VAL D 31 17.45 -6.16 -32.59
CA VAL D 31 17.35 -6.67 -31.23
C VAL D 31 18.44 -7.71 -30.92
N ILE D 32 19.01 -7.59 -29.71
CA ILE D 32 19.97 -8.50 -29.11
C ILE D 32 19.18 -9.23 -28.03
N VAL D 33 19.27 -10.56 -27.99
CA VAL D 33 18.66 -11.36 -26.93
C VAL D 33 19.76 -12.23 -26.29
N THR D 34 20.00 -12.05 -24.97
CA THR D 34 21.04 -12.81 -24.25
C THR D 34 20.43 -14.05 -23.61
N GLY D 35 21.22 -15.09 -23.32
CA GLY D 35 20.70 -16.33 -22.75
C GLY D 35 19.55 -16.84 -23.60
N ALA D 36 19.77 -16.81 -24.92
CA ALA D 36 18.75 -17.10 -25.90
C ALA D 36 18.75 -18.55 -26.43
N SER D 37 19.59 -19.43 -25.83
CA SER D 37 19.69 -20.83 -26.24
C SER D 37 18.53 -21.68 -25.75
N LYS D 38 17.99 -21.35 -24.57
CA LYS D 38 16.88 -22.11 -23.99
C LYS D 38 15.97 -21.23 -23.13
N GLY D 39 14.84 -21.78 -22.73
CA GLY D 39 13.85 -21.11 -21.89
C GLY D 39 13.24 -19.87 -22.50
N ILE D 40 13.06 -18.83 -21.66
CA ILE D 40 12.46 -17.53 -22.00
C ILE D 40 13.23 -16.77 -23.13
N GLY D 41 14.56 -16.79 -23.09
CA GLY D 41 15.42 -16.15 -24.09
C GLY D 41 15.15 -16.64 -25.49
N ARG D 42 15.06 -17.99 -25.64
CA ARG D 42 14.73 -18.71 -26.86
C ARG D 42 13.32 -18.32 -27.33
N GLU D 43 12.36 -18.29 -26.39
CA GLU D 43 10.96 -17.92 -26.65
C GLU D 43 10.83 -16.47 -27.18
N MET D 44 11.74 -15.56 -26.72
CA MET D 44 11.77 -14.15 -27.15
C MET D 44 12.33 -14.06 -28.57
N ALA D 45 13.38 -14.86 -28.87
CA ALA D 45 14.04 -14.95 -30.17
C ALA D 45 13.01 -15.35 -31.23
N TYR D 46 12.18 -16.35 -30.88
CA TYR D 46 11.10 -16.91 -31.68
C TYR D 46 9.98 -15.88 -31.90
N HIS D 47 9.58 -15.14 -30.85
CA HIS D 47 8.52 -14.13 -31.00
C HIS D 47 8.94 -13.00 -31.92
N LEU D 48 10.20 -12.54 -31.79
CA LEU D 48 10.78 -11.46 -32.62
C LEU D 48 10.92 -11.92 -34.07
N ALA D 49 11.10 -13.25 -34.26
CA ALA D 49 11.22 -13.90 -35.57
C ALA D 49 9.89 -13.78 -36.30
N LYS D 50 8.78 -14.26 -35.72
CA LYS D 50 7.44 -14.14 -36.31
C LYS D 50 7.04 -12.67 -36.51
N MET D 51 7.63 -11.75 -35.73
CA MET D 51 7.35 -10.31 -35.83
C MET D 51 8.22 -9.63 -36.90
N GLY D 52 9.11 -10.41 -37.51
CA GLY D 52 10.02 -9.98 -38.56
C GLY D 52 11.13 -9.04 -38.12
N ALA D 53 11.62 -9.23 -36.89
CA ALA D 53 12.71 -8.43 -36.35
C ALA D 53 14.08 -8.98 -36.80
N HIS D 54 15.11 -8.20 -36.55
CA HIS D 54 16.48 -8.59 -36.78
C HIS D 54 16.94 -9.08 -35.42
N VAL D 55 17.37 -10.35 -35.35
CA VAL D 55 17.81 -10.91 -34.08
C VAL D 55 19.26 -11.33 -34.11
N VAL D 56 20.02 -10.95 -33.07
CA VAL D 56 21.37 -11.43 -32.79
C VAL D 56 21.28 -12.02 -31.38
N VAL D 57 21.30 -13.37 -31.32
CA VAL D 57 21.21 -14.16 -30.09
C VAL D 57 22.57 -14.58 -29.50
N THR D 58 22.58 -14.84 -28.18
CA THR D 58 23.77 -15.28 -27.45
C THR D 58 23.49 -16.18 -26.26
N ALA D 59 24.47 -17.04 -25.96
CA ALA D 59 24.59 -18.00 -24.87
C ALA D 59 25.90 -18.72 -25.11
N ARG D 60 26.27 -19.69 -24.27
CA ARG D 60 27.55 -20.39 -24.43
C ARG D 60 27.47 -21.45 -25.50
N SER D 61 26.44 -22.34 -25.43
CA SER D 61 26.20 -23.48 -26.33
C SER D 61 25.83 -23.07 -27.77
N LYS D 62 26.81 -23.15 -28.68
CA LYS D 62 26.65 -22.78 -30.09
C LYS D 62 25.77 -23.71 -30.92
N GLU D 63 25.80 -25.03 -30.64
CA GLU D 63 25.00 -26.02 -31.36
C GLU D 63 23.51 -25.78 -31.12
N THR D 64 23.17 -25.36 -29.87
CA THR D 64 21.82 -25.05 -29.42
C THR D 64 21.40 -23.75 -30.04
N LEU D 65 22.35 -22.79 -30.15
CA LEU D 65 22.10 -21.46 -30.73
C LEU D 65 21.85 -21.56 -32.23
N GLN D 66 22.59 -22.45 -32.93
CA GLN D 66 22.42 -22.68 -34.37
C GLN D 66 20.99 -23.10 -34.66
N LYS D 67 20.43 -24.04 -33.83
CA LYS D 67 19.06 -24.51 -33.92
C LYS D 67 18.10 -23.31 -33.85
N VAL D 68 18.30 -22.44 -32.83
CA VAL D 68 17.54 -21.21 -32.56
C VAL D 68 17.54 -20.28 -33.81
N VAL D 69 18.74 -19.92 -34.33
CA VAL D 69 18.95 -19.06 -35.51
C VAL D 69 18.21 -19.60 -36.77
N SER D 70 18.41 -20.92 -37.06
CA SER D 70 17.77 -21.62 -38.17
C SER D 70 16.23 -21.64 -38.04
N HIS D 71 15.70 -21.81 -36.82
CA HIS D 71 14.25 -21.75 -36.60
C HIS D 71 13.73 -20.31 -36.68
N CYS D 72 14.56 -19.30 -36.26
CA CYS D 72 14.21 -17.87 -36.33
C CYS D 72 14.00 -17.46 -37.77
N LEU D 73 14.91 -17.92 -38.68
CA LEU D 73 14.80 -17.66 -40.12
C LEU D 73 13.51 -18.27 -40.66
N GLU D 74 13.20 -19.51 -40.23
CA GLU D 74 11.97 -20.19 -40.66
C GLU D 74 10.71 -19.43 -40.26
N LEU D 75 10.69 -18.86 -39.04
CA LEU D 75 9.52 -18.14 -38.51
C LEU D 75 9.25 -16.78 -39.15
N GLY D 76 10.24 -16.24 -39.87
CA GLY D 76 10.13 -14.99 -40.60
C GLY D 76 11.02 -13.82 -40.17
N ALA D 77 12.19 -14.10 -39.53
CA ALA D 77 13.11 -13.07 -39.08
C ALA D 77 13.67 -12.31 -40.28
N ALA D 78 13.87 -11.00 -40.12
CA ALA D 78 14.46 -10.16 -41.18
C ALA D 78 15.90 -10.61 -41.42
N SER D 79 16.59 -11.05 -40.35
CA SER D 79 17.91 -11.63 -40.29
C SER D 79 18.11 -12.27 -38.91
N ALA D 80 18.88 -13.36 -38.83
CA ALA D 80 19.16 -14.05 -37.56
C ALA D 80 20.57 -14.56 -37.52
N HIS D 81 21.32 -14.22 -36.46
CA HIS D 81 22.71 -14.63 -36.24
C HIS D 81 22.98 -14.97 -34.77
N TYR D 82 24.10 -15.69 -34.50
CA TYR D 82 24.53 -16.02 -33.14
C TYR D 82 25.99 -15.72 -32.93
N ILE D 83 26.33 -15.38 -31.69
CA ILE D 83 27.71 -15.16 -31.23
C ILE D 83 27.75 -15.88 -29.86
N ALA D 84 28.47 -17.01 -29.81
CA ALA D 84 28.59 -17.80 -28.57
C ALA D 84 29.76 -17.34 -27.72
N GLY D 85 29.51 -17.35 -26.42
CA GLY D 85 30.49 -17.00 -25.40
C GLY D 85 29.90 -17.09 -24.01
N THR D 86 30.75 -16.81 -23.00
CA THR D 86 30.37 -16.80 -21.61
C THR D 86 30.37 -15.37 -21.07
N MET D 87 29.25 -14.98 -20.41
CA MET D 87 29.12 -13.64 -19.83
C MET D 87 29.99 -13.44 -18.58
N GLU D 88 30.84 -14.46 -18.27
CA GLU D 88 31.89 -14.48 -17.24
C GLU D 88 33.04 -13.63 -17.77
N ASP D 89 33.25 -13.71 -19.10
CA ASP D 89 34.29 -12.99 -19.85
C ASP D 89 33.75 -11.60 -20.18
N MET D 90 34.26 -10.59 -19.47
CA MET D 90 33.82 -9.20 -19.69
C MET D 90 34.26 -8.69 -21.03
N THR D 91 35.43 -9.17 -21.52
CA THR D 91 35.89 -8.81 -22.85
C THR D 91 34.87 -9.33 -23.87
N PHE D 92 34.43 -10.60 -23.74
CA PHE D 92 33.43 -11.15 -24.66
C PHE D 92 32.18 -10.25 -24.75
N ALA D 93 31.54 -9.99 -23.60
CA ALA D 93 30.34 -9.16 -23.45
C ALA D 93 30.43 -7.85 -24.25
N GLU D 94 31.53 -7.09 -24.07
CA GLU D 94 31.85 -5.83 -24.73
C GLU D 94 31.93 -6.02 -26.26
N GLN D 95 32.75 -6.98 -26.70
CA GLN D 95 32.99 -7.30 -28.10
C GLN D 95 31.74 -7.83 -28.80
N PHE D 96 30.95 -8.66 -28.11
CA PHE D 96 29.71 -9.23 -28.63
C PHE D 96 28.73 -8.14 -29.11
N VAL D 97 28.60 -7.05 -28.33
CA VAL D 97 27.71 -5.93 -28.65
C VAL D 97 28.12 -5.28 -29.98
N ALA D 98 29.41 -4.93 -30.12
CA ALA D 98 29.95 -4.33 -31.35
C ALA D 98 29.73 -5.26 -32.58
N GLN D 99 30.04 -6.57 -32.42
CA GLN D 99 29.86 -7.60 -33.45
C GLN D 99 28.38 -7.69 -33.87
N ALA D 100 27.47 -7.71 -32.89
CA ALA D 100 26.03 -7.77 -33.11
C ALA D 100 25.56 -6.53 -33.87
N GLY D 101 25.99 -5.36 -33.40
CA GLY D 101 25.68 -4.05 -33.95
C GLY D 101 26.21 -3.87 -35.35
N LYS D 102 27.33 -4.56 -35.69
CA LYS D 102 27.94 -4.57 -37.00
C LYS D 102 27.05 -5.39 -37.95
N LEU D 103 26.64 -6.61 -37.52
CA LEU D 103 25.82 -7.58 -38.24
C LEU D 103 24.47 -7.03 -38.68
N MET D 104 23.87 -6.17 -37.83
CA MET D 104 22.55 -5.58 -38.06
C MET D 104 22.67 -4.13 -38.53
N GLY D 105 23.85 -3.54 -38.38
CA GLY D 105 24.05 -2.13 -38.71
C GLY D 105 23.26 -1.25 -37.75
N GLY D 106 23.52 -1.43 -36.46
CA GLY D 106 22.84 -0.73 -35.37
C GLY D 106 22.13 -1.64 -34.38
N LEU D 107 21.42 -1.01 -33.39
CA LEU D 107 20.67 -1.65 -32.30
C LEU D 107 19.49 -0.81 -31.85
N ASP D 108 18.32 -1.46 -31.75
CA ASP D 108 17.06 -0.87 -31.31
C ASP D 108 16.69 -1.33 -29.89
N MET D 109 16.86 -2.61 -29.60
CA MET D 109 16.50 -3.15 -28.31
C MET D 109 17.55 -4.12 -27.81
N LEU D 110 17.99 -3.94 -26.55
CA LEU D 110 18.96 -4.78 -25.86
C LEU D 110 18.21 -5.52 -24.76
N ILE D 111 17.89 -6.80 -25.00
CA ILE D 111 17.19 -7.63 -24.03
C ILE D 111 18.24 -8.42 -23.27
N LEU D 112 18.37 -8.13 -21.95
CA LEU D 112 19.35 -8.78 -21.07
C LEU D 112 18.63 -9.82 -20.22
N ASN D 113 18.83 -11.10 -20.55
CA ASN D 113 18.12 -12.25 -20.00
C ASN D 113 18.96 -13.34 -19.36
N HIS D 114 20.24 -13.50 -19.74
CA HIS D 114 21.12 -14.53 -19.17
C HIS D 114 21.28 -14.50 -17.65
N ILE D 115 21.46 -15.68 -17.06
CA ILE D 115 21.75 -15.88 -15.64
C ILE D 115 22.72 -17.05 -15.54
N THR D 116 23.57 -17.09 -14.48
CA THR D 116 24.45 -18.23 -14.22
C THR D 116 23.53 -19.32 -13.67
N ASN D 117 23.84 -20.60 -13.94
CA ASN D 117 23.04 -21.72 -13.40
C ASN D 117 22.98 -21.64 -11.87
N THR D 118 21.78 -21.70 -11.33
CA THR D 118 21.51 -21.59 -9.90
C THR D 118 20.60 -22.77 -9.48
N SER D 119 20.57 -23.04 -8.17
CA SER D 119 19.81 -24.11 -7.55
C SER D 119 19.20 -23.59 -6.27
N LEU D 120 18.19 -24.29 -5.73
CA LEU D 120 17.60 -23.90 -4.46
C LEU D 120 18.46 -24.57 -3.40
N ASN D 121 19.21 -23.75 -2.66
CA ASN D 121 20.14 -24.21 -1.65
C ASN D 121 20.29 -23.19 -0.53
N LEU D 122 20.38 -23.71 0.71
CA LEU D 122 20.61 -22.89 1.88
C LEU D 122 22.02 -22.27 1.76
N PHE D 123 22.17 -21.01 2.15
CA PHE D 123 23.47 -20.40 2.07
C PHE D 123 24.29 -20.80 3.24
N HIS D 124 25.50 -21.22 2.91
CA HIS D 124 26.54 -21.60 3.82
C HIS D 124 27.82 -21.65 3.00
N ASP D 125 28.77 -20.76 3.30
CA ASP D 125 30.09 -20.79 2.67
C ASP D 125 30.19 -20.26 1.23
N ASP D 126 29.25 -20.62 0.39
CA ASP D 126 29.36 -20.40 -1.06
C ASP D 126 29.54 -18.95 -1.52
N ILE D 127 30.72 -18.39 -1.30
CA ILE D 127 31.05 -17.06 -1.80
C ILE D 127 31.19 -17.09 -3.32
N HIS D 128 31.87 -18.11 -3.81
CA HIS D 128 31.98 -18.39 -5.25
C HIS D 128 30.66 -18.12 -6.03
N HIS D 129 29.53 -18.69 -5.53
CA HIS D 129 28.24 -18.53 -6.17
C HIS D 129 27.73 -17.10 -6.01
N VAL D 130 28.19 -16.37 -4.97
CA VAL D 130 27.78 -14.99 -4.78
C VAL D 130 28.52 -14.15 -5.82
N ARG D 131 29.84 -14.36 -5.92
CA ARG D 131 30.70 -13.65 -6.87
C ARG D 131 30.28 -13.96 -8.32
N LYS D 132 29.98 -15.26 -8.64
CA LYS D 132 29.56 -15.70 -9.97
C LYS D 132 28.21 -15.06 -10.37
N SER D 133 27.22 -15.11 -9.46
CA SER D 133 25.91 -14.48 -9.66
C SER D 133 26.04 -12.97 -9.92
N MET D 134 26.91 -12.28 -9.19
CA MET D 134 27.13 -10.84 -9.35
C MET D 134 27.77 -10.50 -10.67
N GLU D 135 28.77 -11.29 -11.10
CA GLU D 135 29.46 -11.05 -12.35
C GLU D 135 28.56 -11.30 -13.55
N VAL D 136 27.96 -12.48 -13.64
CA VAL D 136 27.10 -12.91 -14.75
C VAL D 136 25.69 -12.25 -14.74
N ASN D 137 25.02 -12.26 -13.59
CA ASN D 137 23.64 -11.78 -13.54
C ASN D 137 23.52 -10.29 -13.43
N PHE D 138 24.62 -9.58 -13.07
CA PHE D 138 24.61 -8.14 -12.89
C PHE D 138 25.71 -7.40 -13.65
N LEU D 139 26.99 -7.66 -13.31
CA LEU D 139 28.13 -6.98 -13.93
C LEU D 139 28.18 -7.03 -15.46
N SER D 140 27.93 -8.22 -16.07
CA SER D 140 27.91 -8.35 -17.52
C SER D 140 26.85 -7.43 -18.12
N TYR D 141 25.64 -7.34 -17.47
CA TYR D 141 24.52 -6.52 -17.89
C TYR D 141 24.95 -5.08 -18.03
N VAL D 142 25.70 -4.56 -17.02
CA VAL D 142 26.25 -3.20 -17.01
C VAL D 142 27.28 -3.02 -18.15
N VAL D 143 28.16 -4.02 -18.38
CA VAL D 143 29.15 -3.97 -19.48
C VAL D 143 28.44 -3.93 -20.86
N LEU D 144 27.43 -4.76 -21.06
CA LEU D 144 26.64 -4.81 -22.28
C LEU D 144 25.87 -3.49 -22.51
N THR D 145 25.39 -2.86 -21.43
CA THR D 145 24.63 -1.60 -21.47
C THR D 145 25.51 -0.50 -22.02
N VAL D 146 26.67 -0.30 -21.39
CA VAL D 146 27.70 0.66 -21.75
C VAL D 146 28.09 0.52 -23.24
N ALA D 147 28.37 -0.72 -23.66
CA ALA D 147 28.76 -1.09 -25.02
C ALA D 147 27.61 -0.83 -26.05
N ALA D 148 26.37 -0.97 -25.61
CA ALA D 148 25.23 -0.77 -26.50
C ALA D 148 24.62 0.62 -26.40
N LEU D 149 25.14 1.45 -25.50
CA LEU D 149 24.55 2.76 -25.25
C LEU D 149 24.60 3.73 -26.43
N PRO D 150 25.77 3.94 -27.05
CA PRO D 150 25.82 4.86 -28.19
C PRO D 150 24.87 4.45 -29.34
N MET D 151 24.76 3.12 -29.63
CA MET D 151 23.84 2.63 -30.67
C MET D 151 22.40 2.92 -30.27
N LEU D 152 22.04 2.60 -29.01
CA LEU D 152 20.69 2.83 -28.48
C LEU D 152 20.31 4.31 -28.41
N LYS D 153 21.27 5.23 -28.17
CA LYS D 153 21.05 6.67 -28.13
C LYS D 153 20.70 7.19 -29.54
N GLN D 154 21.36 6.63 -30.57
CA GLN D 154 21.14 6.95 -32.00
C GLN D 154 19.72 6.55 -32.42
N SER D 155 19.30 5.33 -32.07
CA SER D 155 17.99 4.77 -32.42
C SER D 155 16.89 5.12 -31.43
N ASN D 156 17.18 5.88 -30.34
CA ASN D 156 16.19 6.17 -29.27
C ASN D 156 15.51 4.84 -28.85
N GLY D 157 16.38 3.86 -28.61
CA GLY D 157 16.05 2.48 -28.31
C GLY D 157 15.68 2.15 -26.88
N SER D 158 15.66 0.85 -26.61
CA SER D 158 15.24 0.31 -25.33
C SER D 158 16.24 -0.68 -24.74
N ILE D 159 16.32 -0.69 -23.39
CA ILE D 159 17.07 -1.64 -22.59
C ILE D 159 16.00 -2.44 -21.84
N VAL D 160 16.01 -3.76 -22.01
CA VAL D 160 15.06 -4.64 -21.32
C VAL D 160 15.85 -5.56 -20.39
N VAL D 161 15.52 -5.49 -19.09
CA VAL D 161 16.18 -6.25 -18.04
C VAL D 161 15.23 -7.28 -17.50
N VAL D 162 15.65 -8.55 -17.58
CA VAL D 162 14.85 -9.65 -17.06
C VAL D 162 15.27 -9.91 -15.61
N SER D 163 14.32 -9.70 -14.68
CA SER D 163 14.50 -9.86 -13.24
C SER D 163 13.42 -10.84 -12.75
N SER D 164 13.20 -10.93 -11.42
CA SER D 164 12.17 -11.79 -10.85
C SER D 164 11.53 -11.21 -9.59
N LEU D 165 10.59 -11.97 -8.99
CA LEU D 165 9.99 -11.64 -7.69
C LEU D 165 11.10 -11.67 -6.63
N ALA D 166 12.09 -12.58 -6.79
CA ALA D 166 13.26 -12.69 -5.93
C ALA D 166 14.13 -11.38 -6.00
N GLY D 167 13.83 -10.50 -6.95
CA GLY D 167 14.50 -9.22 -7.10
C GLY D 167 13.66 -8.06 -6.58
N LYS D 168 12.49 -8.39 -6.00
CA LYS D 168 11.61 -7.39 -5.43
C LYS D 168 11.33 -7.64 -3.95
N VAL D 169 11.19 -8.93 -3.60
CA VAL D 169 10.90 -9.43 -2.24
C VAL D 169 11.95 -10.50 -1.89
N ALA D 170 12.09 -10.81 -0.58
CA ALA D 170 13.06 -11.79 -0.10
C ALA D 170 12.49 -13.21 0.04
N TYR D 171 13.21 -14.18 -0.57
CA TYR D 171 12.92 -15.61 -0.57
C TYR D 171 14.10 -16.38 0.00
N PRO D 172 13.89 -17.45 0.82
CA PRO D 172 15.05 -18.30 1.20
C PRO D 172 15.51 -19.16 0.03
N MET D 173 16.63 -19.91 0.15
CA MET D 173 17.16 -20.81 -0.89
C MET D 173 17.85 -20.15 -2.09
N VAL D 174 17.61 -18.84 -2.33
CA VAL D 174 18.14 -18.11 -3.49
C VAL D 174 18.90 -16.80 -3.17
N ALA D 175 19.63 -16.74 -2.04
CA ALA D 175 20.35 -15.53 -1.59
C ALA D 175 21.24 -14.85 -2.62
N ALA D 176 22.19 -15.61 -3.24
CA ALA D 176 23.12 -15.11 -4.28
C ALA D 176 22.37 -14.56 -5.49
N TYR D 177 21.35 -15.31 -5.96
CA TYR D 177 20.50 -14.93 -7.09
C TYR D 177 19.65 -13.71 -6.73
N SER D 178 19.10 -13.66 -5.48
CA SER D 178 18.29 -12.51 -5.06
C SER D 178 19.10 -11.25 -5.02
N ALA D 179 20.35 -11.34 -4.52
CA ALA D 179 21.29 -10.24 -4.41
C ALA D 179 21.58 -9.60 -5.78
N SER D 180 21.86 -10.45 -6.81
CA SER D 180 22.14 -9.97 -8.18
C SER D 180 20.92 -9.27 -8.77
N LYS D 181 19.70 -9.83 -8.54
CA LYS D 181 18.43 -9.31 -9.06
C LYS D 181 18.09 -8.01 -8.40
N PHE D 182 18.36 -7.91 -7.09
CA PHE D 182 18.12 -6.71 -6.29
C PHE D 182 19.01 -5.60 -6.80
N ALA D 183 20.30 -5.91 -7.04
CA ALA D 183 21.32 -5.03 -7.60
C ALA D 183 20.87 -4.45 -8.96
N LEU D 184 20.23 -5.28 -9.80
CA LEU D 184 19.72 -4.92 -11.12
C LEU D 184 18.71 -3.77 -11.01
N ASP D 185 17.80 -3.88 -10.01
CA ASP D 185 16.79 -2.88 -9.71
C ASP D 185 17.50 -1.61 -9.25
N GLY D 186 18.37 -1.73 -8.27
CA GLY D 186 19.14 -0.60 -7.81
C GLY D 186 19.86 0.15 -8.91
N PHE D 187 20.56 -0.61 -9.80
CA PHE D 187 21.30 -0.04 -10.90
C PHE D 187 20.43 0.61 -11.96
N PHE D 188 19.71 -0.21 -12.75
CA PHE D 188 18.90 0.28 -13.86
C PHE D 188 17.84 1.35 -13.52
N SER D 189 17.18 1.22 -12.35
CA SER D 189 16.18 2.20 -11.92
C SER D 189 16.85 3.57 -11.65
N SER D 190 18.07 3.52 -11.13
CA SER D 190 18.84 4.73 -10.85
C SER D 190 19.27 5.47 -12.13
N ILE D 191 19.77 4.75 -13.11
CA ILE D 191 20.20 5.39 -14.35
C ILE D 191 19.02 5.82 -15.21
N ARG D 192 17.86 5.20 -14.98
CA ARG D 192 16.65 5.60 -15.67
C ARG D 192 16.32 7.04 -15.29
N LYS D 193 16.38 7.33 -14.01
CA LYS D 193 16.20 8.69 -13.48
C LYS D 193 17.20 9.64 -14.17
N GLU D 194 18.48 9.21 -14.31
CA GLU D 194 19.53 10.00 -14.95
C GLU D 194 19.21 10.27 -16.40
N TYR D 195 18.64 9.30 -17.10
CA TYR D 195 18.31 9.45 -18.51
C TYR D 195 17.21 10.48 -18.71
N SER D 196 16.31 10.59 -17.72
CA SER D 196 15.22 11.54 -17.81
C SER D 196 15.70 12.97 -17.60
N VAL D 197 16.68 13.14 -16.71
CA VAL D 197 17.22 14.46 -16.43
C VAL D 197 18.30 14.86 -17.42
N SER D 198 18.81 13.89 -18.16
CA SER D 198 19.84 14.14 -19.17
C SER D 198 19.20 14.18 -20.55
N ARG D 199 17.89 13.96 -20.56
CA ARG D 199 17.10 13.87 -21.80
C ARG D 199 17.71 12.78 -22.73
N VAL D 200 18.03 11.61 -22.15
CA VAL D 200 18.56 10.46 -22.89
C VAL D 200 17.32 9.61 -23.19
N ASN D 201 16.88 9.62 -24.47
CA ASN D 201 15.66 8.95 -24.93
C ASN D 201 15.82 7.42 -25.17
N VAL D 202 16.48 6.77 -24.23
CA VAL D 202 16.69 5.31 -24.16
C VAL D 202 15.83 4.87 -23.00
N SER D 203 14.91 3.96 -23.23
CA SER D 203 14.00 3.50 -22.19
C SER D 203 14.56 2.28 -21.44
N ILE D 204 14.18 2.13 -20.17
CA ILE D 204 14.60 1.00 -19.35
C ILE D 204 13.38 0.25 -18.83
N THR D 205 13.28 -1.05 -19.17
CA THR D 205 12.17 -1.92 -18.76
C THR D 205 12.66 -3.01 -17.84
N LEU D 206 12.18 -2.98 -16.58
CA LEU D 206 12.51 -3.98 -15.57
C LEU D 206 11.38 -5.00 -15.52
N CYS D 207 11.68 -6.28 -15.80
CA CYS D 207 10.66 -7.32 -15.83
C CYS D 207 10.71 -8.19 -14.58
N VAL D 208 9.66 -8.10 -13.76
CA VAL D 208 9.54 -8.85 -12.54
C VAL D 208 8.67 -10.08 -12.80
N LEU D 209 9.31 -11.24 -12.92
CA LEU D 209 8.62 -12.48 -13.25
C LEU D 209 8.56 -13.46 -12.12
N GLY D 210 7.38 -14.06 -11.94
CA GLY D 210 7.14 -15.14 -11.01
C GLY D 210 7.67 -16.44 -11.60
N LEU D 211 7.26 -17.60 -11.05
CA LEU D 211 7.72 -18.89 -11.56
C LEU D 211 7.17 -19.20 -12.98
N ILE D 212 8.09 -19.49 -13.92
CA ILE D 212 7.80 -19.82 -15.32
C ILE D 212 8.24 -21.26 -15.61
N ASP D 213 7.37 -22.02 -16.30
CA ASP D 213 7.50 -23.43 -16.69
C ASP D 213 8.70 -23.83 -17.57
N THR D 214 9.83 -23.12 -17.45
CA THR D 214 11.04 -23.44 -18.21
C THR D 214 11.70 -24.68 -17.61
N GLU D 215 12.33 -25.50 -18.45
CA GLU D 215 13.04 -26.74 -18.09
C GLU D 215 13.96 -26.60 -16.85
N THR D 216 14.85 -25.59 -16.87
CA THR D 216 15.82 -25.28 -15.81
C THR D 216 15.17 -24.95 -14.45
N ALA D 217 14.17 -24.04 -14.44
CA ALA D 217 13.42 -23.63 -13.24
C ALA D 217 12.60 -24.79 -12.68
N MET D 218 12.00 -25.61 -13.58
CA MET D 218 11.14 -26.75 -13.22
C MET D 218 11.88 -27.84 -12.46
N LYS D 219 13.14 -28.07 -12.82
CA LYS D 219 14.00 -29.03 -12.16
C LYS D 219 14.42 -28.45 -10.80
N ALA D 220 14.78 -27.16 -10.78
CA ALA D 220 15.23 -26.42 -9.60
C ALA D 220 14.24 -26.41 -8.43
N VAL D 221 12.92 -26.26 -8.72
CA VAL D 221 11.84 -26.18 -7.72
C VAL D 221 11.07 -27.48 -7.42
N SER D 222 11.26 -28.54 -8.23
CA SER D 222 10.57 -29.84 -8.07
C SER D 222 10.76 -30.47 -6.67
N GLY D 223 9.64 -30.67 -5.98
CA GLY D 223 9.62 -31.24 -4.64
C GLY D 223 10.16 -30.35 -3.52
N ILE D 224 10.48 -29.08 -3.87
CA ILE D 224 11.01 -28.08 -2.93
C ILE D 224 9.97 -26.95 -2.80
N VAL D 225 9.46 -26.47 -3.95
CA VAL D 225 8.46 -25.41 -4.00
C VAL D 225 7.17 -25.82 -4.75
N HIS D 226 6.06 -25.99 -3.99
CA HIS D 226 4.74 -26.29 -4.52
C HIS D 226 4.15 -24.94 -4.95
N MET D 227 4.08 -24.70 -6.29
CA MET D 227 3.61 -23.45 -6.92
C MET D 227 3.22 -23.73 -8.36
N GLN D 228 2.27 -22.95 -8.90
CA GLN D 228 1.85 -23.06 -10.29
C GLN D 228 2.78 -22.23 -11.18
N ALA D 229 3.20 -22.79 -12.34
CA ALA D 229 4.10 -22.10 -13.27
C ALA D 229 3.41 -21.56 -14.51
N ALA D 230 3.61 -20.27 -14.81
CA ALA D 230 3.09 -19.54 -15.98
C ALA D 230 3.80 -20.02 -17.23
N PRO D 231 3.22 -19.96 -18.45
CA PRO D 231 3.94 -20.46 -19.61
C PRO D 231 4.98 -19.49 -20.19
N LYS D 232 6.13 -20.04 -20.61
CA LYS D 232 7.27 -19.29 -21.15
C LYS D 232 6.99 -18.50 -22.44
N GLU D 233 6.05 -19.02 -23.27
CA GLU D 233 5.65 -18.40 -24.52
C GLU D 233 4.98 -17.04 -24.24
N GLU D 234 3.92 -17.04 -23.40
CA GLU D 234 3.16 -15.85 -22.96
C GLU D 234 4.08 -14.88 -22.18
N CYS D 235 5.08 -15.45 -21.46
CA CYS D 235 6.05 -14.71 -20.67
C CYS D 235 6.93 -13.84 -21.56
N ALA D 236 7.60 -14.47 -22.56
CA ALA D 236 8.46 -13.81 -23.52
C ALA D 236 7.72 -12.68 -24.22
N LEU D 237 6.49 -12.94 -24.69
CA LEU D 237 5.65 -11.93 -25.37
C LEU D 237 5.42 -10.69 -24.52
N GLU D 238 5.11 -10.90 -23.24
CA GLU D 238 4.87 -9.84 -22.28
C GLU D 238 6.10 -8.99 -22.10
N ILE D 239 7.28 -9.64 -22.04
CA ILE D 239 8.58 -8.95 -21.95
C ILE D 239 8.76 -8.03 -23.17
N ILE D 240 8.54 -8.58 -24.38
CA ILE D 240 8.67 -7.82 -25.64
C ILE D 240 7.69 -6.64 -25.65
N LYS D 241 6.42 -6.86 -25.23
CA LYS D 241 5.42 -5.79 -25.18
C LYS D 241 5.91 -4.64 -24.30
N GLY D 242 6.31 -4.93 -23.05
CA GLY D 242 6.79 -3.94 -22.09
C GLY D 242 7.88 -3.06 -22.65
N GLY D 243 8.87 -3.73 -23.27
CA GLY D 243 10.00 -3.11 -23.96
C GLY D 243 9.56 -2.25 -25.13
N ALA D 244 8.72 -2.82 -26.01
CA ALA D 244 8.13 -2.13 -27.17
C ALA D 244 7.31 -0.91 -26.73
N LEU D 245 6.49 -1.07 -25.67
CA LEU D 245 5.63 0.00 -25.12
C LEU D 245 6.39 0.95 -24.19
N ARG D 246 7.71 0.68 -23.97
CA ARG D 246 8.66 1.47 -23.16
C ARG D 246 8.22 1.64 -21.69
N GLN D 247 7.53 0.60 -21.17
CA GLN D 247 7.03 0.56 -19.79
C GLN D 247 8.23 0.52 -18.85
N GLU D 248 8.13 1.18 -17.68
CA GLU D 248 9.24 1.17 -16.72
C GLU D 248 9.34 -0.22 -16.10
N GLU D 249 8.19 -0.84 -15.82
CA GLU D 249 8.12 -2.14 -15.18
C GLU D 249 7.06 -3.04 -15.73
N VAL D 250 7.40 -4.34 -15.81
CA VAL D 250 6.53 -5.41 -16.30
C VAL D 250 6.41 -6.46 -15.19
N TYR D 251 5.17 -6.77 -14.81
CA TYR D 251 4.90 -7.81 -13.83
C TYR D 251 4.18 -8.96 -14.54
N TYR D 252 4.68 -10.19 -14.34
CA TYR D 252 4.15 -11.39 -14.93
C TYR D 252 4.31 -12.63 -14.02
N ASP D 253 3.17 -13.17 -13.58
CA ASP D 253 3.06 -14.34 -12.71
C ASP D 253 1.63 -14.85 -12.84
N SER D 254 1.40 -16.17 -12.62
CA SER D 254 0.07 -16.79 -12.67
C SER D 254 -0.89 -16.30 -11.56
N SER D 255 -0.34 -15.81 -10.41
CA SER D 255 -1.12 -15.27 -9.29
C SER D 255 -1.39 -13.78 -9.52
N LEU D 256 -2.63 -13.36 -9.23
CA LEU D 256 -3.04 -11.98 -9.42
C LEU D 256 -2.98 -11.11 -8.15
N TRP D 257 -2.80 -11.79 -6.99
CA TRP D 257 -2.57 -11.19 -5.66
C TRP D 257 -1.17 -10.57 -5.73
N THR D 258 -0.27 -11.26 -6.46
CA THR D 258 1.11 -10.89 -6.74
C THR D 258 1.10 -9.58 -7.51
N THR D 259 0.52 -9.61 -8.73
CA THR D 259 0.44 -8.52 -9.71
C THR D 259 -0.06 -7.19 -9.16
N LEU D 260 -0.95 -7.21 -8.16
CA LEU D 260 -1.45 -5.96 -7.61
C LEU D 260 -0.68 -5.42 -6.42
N LEU D 261 -0.19 -6.32 -5.52
CA LEU D 261 0.55 -5.92 -4.32
C LEU D 261 1.97 -5.50 -4.60
N ILE D 262 2.52 -5.97 -5.72
CA ILE D 262 3.90 -5.73 -6.12
C ILE D 262 4.33 -4.27 -6.36
N ARG D 263 3.44 -3.40 -6.84
CA ARG D 263 3.78 -1.99 -7.06
C ARG D 263 3.98 -1.26 -5.72
N ASN D 264 4.87 -0.25 -5.70
CA ASN D 264 5.21 0.45 -4.46
C ASN D 264 4.99 1.96 -4.51
N PRO D 265 3.76 2.42 -4.18
CA PRO D 265 3.49 3.88 -4.17
C PRO D 265 4.42 4.68 -3.25
N SER D 266 4.82 4.09 -2.10
CA SER D 266 5.70 4.73 -1.12
C SER D 266 7.10 5.00 -1.73
N ARG D 267 7.61 4.03 -2.52
CA ARG D 267 8.88 4.14 -3.22
C ARG D 267 8.76 5.28 -4.24
N LYS D 268 7.62 5.35 -4.97
CA LYS D 268 7.32 6.38 -5.93
C LYS D 268 7.24 7.75 -5.26
N ILE D 269 6.53 7.87 -4.13
CA ILE D 269 6.43 9.14 -3.37
C ILE D 269 7.86 9.57 -3.01
N LEU D 270 8.64 8.68 -2.35
CA LEU D 270 10.03 8.92 -1.96
C LEU D 270 10.93 9.33 -3.16
N GLU D 271 10.63 8.77 -4.37
CA GLU D 271 11.35 9.04 -5.62
C GLU D 271 10.93 10.37 -6.22
C1 S05 E . -21.03 -11.60 2.28
C2 S05 E . -20.41 -12.55 3.30
C3 S05 E . -19.31 -11.81 4.13
C4 S05 E . -19.67 -10.36 4.54
N5 S05 E . -21.02 -9.92 4.00
C6 S05 E . -21.30 -10.29 2.63
C13 S05 E . -21.83 -9.39 1.69
C14 S05 E . -22.11 -9.83 0.39
C15 S05 E . -21.85 -11.16 0.05
C16 S05 E . -21.30 -12.04 0.98
C21 S05 E . -22.04 -9.70 4.88
O22 S05 E . -21.84 -9.10 5.93
N23 S05 E . -23.31 -10.10 4.64
C24 S05 E . -24.30 -9.09 4.10
C25 S05 E . -25.78 -9.29 4.50
C26 S05 E . -26.11 -10.71 5.00
C27 S05 E . -25.16 -11.80 4.46
C28 S05 E . -23.68 -11.55 4.82
C38 S05 E . -26.14 -10.77 6.52
N39 S05 E . -26.99 -11.54 7.19
C40 S05 E . -26.72 -11.33 8.48
N41 S05 E . -25.71 -10.47 8.58
C42 S05 E . -25.34 -10.11 7.35
PA NDP F . -28.83 -12.23 12.93
O1A NDP F . -28.70 -13.61 13.52
O2A NDP F . -29.87 -11.88 11.87
O5B NDP F . -29.22 -11.25 14.21
C5B NDP F . -29.73 -9.93 13.97
C4B NDP F . -30.34 -9.48 15.31
O4B NDP F . -30.83 -8.07 15.25
C3B NDP F . -31.49 -10.31 15.84
O3B NDP F . -31.16 -10.39 17.23
C2B NDP F . -32.75 -9.42 15.51
O2B NDP F . -33.82 -9.73 16.38
C1B NDP F . -32.19 -8.02 15.76
N9A NDP F . -32.92 -7.02 15.05
C8A NDP F . -33.47 -7.13 13.76
N7A NDP F . -34.12 -6.05 13.35
C5A NDP F . -33.98 -5.22 14.48
C6A NDP F . -34.49 -3.93 14.74
N6A NDP F . -35.29 -3.32 13.82
N1A NDP F . -34.27 -3.33 15.93
C2A NDP F . -33.50 -4.02 16.83
N3A NDP F . -32.92 -5.29 16.70
C4A NDP F . -33.24 -5.80 15.52
O3 NDP F . -27.48 -11.54 12.46
PN NDP F . -25.98 -11.96 12.49
O1N NDP F . -25.69 -12.49 13.85
O2N NDP F . -25.54 -12.63 11.20
O5D NDP F . -25.33 -10.48 12.33
C5D NDP F . -25.18 -9.64 13.48
C4D NDP F . -24.17 -8.51 13.19
O4D NDP F . -22.90 -9.07 12.72
C3D NDP F . -24.58 -7.33 12.23
O3D NDP F . -24.04 -6.05 12.52
C2D NDP F . -24.02 -7.89 10.96
O2D NDP F . -23.92 -6.87 9.96
C1D NDP F . -22.66 -8.40 11.45
N1N NDP F . -22.11 -9.28 10.42
C2N NDP F . -22.60 -10.59 10.17
C3N NDP F . -22.05 -11.40 9.20
C7N NDP F . -22.51 -12.79 8.92
O7N NDP F . -21.93 -13.42 8.04
N7N NDP F . -23.54 -13.35 9.61
C4N NDP F . -20.92 -10.88 8.35
C5N NDP F . -20.50 -9.47 8.67
C6N NDP F . -21.08 -8.78 9.66
P2B NDP F . -35.35 -9.33 16.14
O1X NDP F . -36.09 -10.04 17.29
O2X NDP F . -35.44 -7.80 16.26
O3X NDP F . -35.65 -9.81 14.72
C1 S05 G . -9.97 18.71 5.22
C2 S05 G . -9.32 18.73 3.83
C3 S05 G . -10.05 17.87 2.78
C4 S05 G . -11.36 17.24 3.24
N5 S05 G . -12.09 18.07 4.27
C6 S05 G . -11.32 18.39 5.43
C13 S05 G . -11.83 18.36 6.73
C14 S05 G . -11.03 18.69 7.83
C15 S05 G . -9.68 19.03 7.61
C16 S05 G . -9.16 19.03 6.32
C21 S05 G . -13.29 18.66 3.95
O22 S05 G . -13.87 18.35 2.90
N23 S05 G . -13.90 19.57 4.73
C24 S05 G . -15.06 19.15 5.60
C25 S05 G . -16.30 20.05 5.41
C26 S05 G . -15.98 21.52 5.09
C27 S05 G . -14.52 21.93 5.40
C28 S05 G . -13.46 21.01 4.73
C38 S05 G . -16.35 21.88 3.63
N39 S05 G . -17.03 22.98 3.31
C40 S05 G . -17.17 22.95 1.98
N41 S05 G . -16.57 21.85 1.52
C42 S05 G . -16.07 21.17 2.54
PA NDP H . -20.06 25.01 -1.23
O1A NDP H . -19.23 26.10 -1.90
O2A NDP H . -20.54 25.14 0.19
O5B NDP H . -21.47 24.82 -2.06
C5B NDP H . -22.45 23.92 -1.64
C4B NDP H . -23.62 24.04 -2.61
O4B NDP H . -24.72 23.18 -2.08
C3B NDP H . -24.18 25.43 -2.69
O3B NDP H . -24.61 25.73 -4.01
C2B NDP H . -25.35 25.39 -1.71
O2B NDP H . -26.33 26.33 -2.06
C1B NDP H . -25.90 23.97 -1.88
N9A NDP H . -26.70 23.50 -0.77
C8A NDP H . -26.46 23.67 0.55
N7A NDP H . -27.36 23.17 1.34
C5A NDP H . -28.26 22.60 0.44
C6A NDP H . -29.51 21.84 0.58
N6A NDP H . -30.07 21.54 1.83
N1A NDP H . -30.16 21.38 -0.55
C2A NDP H . -29.62 21.65 -1.77
N3A NDP H . -28.48 22.37 -2.03
C4A NDP H . -27.85 22.81 -0.89
O3 NDP H . -19.30 23.60 -1.30
PN NDP H . -17.93 23.22 -1.94
O1N NDP H . -17.87 23.68 -3.37
O2N NDP H . -16.79 23.42 -1.03
O5D NDP H . -18.19 21.62 -1.93
C5D NDP H . -18.80 21.00 -3.05
C4D NDP H . -18.55 19.53 -2.90
O4D NDP H . -17.10 19.28 -2.86
C3D NDP H . -19.19 18.82 -1.69
O3D NDP H . -19.69 17.56 -2.10
C2D NDP H . -18.00 18.70 -0.71
O2D NDP H . -18.16 17.60 0.25
C1D NDP H . -16.87 18.41 -1.72
N1N NDP H . -15.59 18.66 -1.11
C2N NDP H . -15.14 20.02 -0.95
C3N NDP H . -13.93 20.34 -0.39
C7N NDP H . -13.48 21.75 -0.20
O7N NDP H . -12.42 22.01 0.31
N7N NDP H . -14.25 22.78 -0.59
C4N NDP H . -13.02 19.20 0.06
C5N NDP H . -13.56 17.80 -0.19
C6N NDP H . -14.77 17.59 -0.73
P2B NDP H . -27.49 26.84 -1.03
O1X NDP H . -27.98 27.99 -1.95
O2X NDP H . -28.57 25.73 -1.02
O3X NDP H . -26.71 27.14 0.26
C1 S05 I . 20.45 10.62 -0.75
C2 S05 I . 19.72 10.67 0.62
C3 S05 I . 20.56 10.08 1.75
C4 S05 I . 21.25 8.80 1.29
N5 S05 I . 22.14 9.05 0.11
C6 S05 I . 21.60 9.85 -0.99
C13 S05 I . 22.14 9.87 -2.28
C14 S05 I . 21.61 10.65 -3.31
C15 S05 I . 20.48 11.41 -3.07
C16 S05 I . 19.90 11.38 -1.78
C21 S05 I . 23.45 8.62 0.20
O22 S05 I . 23.72 7.71 1.00
N23 S05 I . 24.46 9.17 -0.52
C24 S05 I . 25.16 8.37 -1.58
C25 S05 I . 26.63 8.18 -1.22
C26 S05 I . 27.29 9.40 -0.51
C27 S05 I . 26.46 10.71 -0.55
C28 S05 I . 24.99 10.53 -0.16
C38 S05 I . 27.74 9.06 0.92
N39 S05 I . 28.95 9.33 1.39
C40 S05 I . 28.99 8.90 2.66
N41 S05 I . 27.81 8.38 2.94
C42 S05 I . 27.02 8.47 1.87
PA NDP J . 32.29 7.86 5.91
O1A NDP J . 32.45 8.82 7.06
O2A NDP J . 33.05 8.08 4.61
O5B NDP J . 32.94 6.45 6.42
C5B NDP J . 33.07 5.28 5.56
C4B NDP J . 33.95 4.37 6.42
O4B NDP J . 34.49 3.25 5.62
C3B NDP J . 35.17 5.16 6.94
O3B NDP J . 35.39 4.88 8.30
C2B NDP J . 36.33 4.77 6.03
O2B NDP J . 37.58 4.91 6.70
C1B NDP J . 35.96 3.33 5.68
N9A NDP J . 36.48 2.90 4.43
C8A NDP J . 36.63 3.63 3.28
N7A NDP J . 37.15 2.94 2.26
C5A NDP J . 37.35 1.68 2.77
C6A NDP J . 37.90 0.47 2.22
N6A NDP J . 38.35 0.35 0.93
N1A NDP J . 38.02 -0.65 3.01
C2A NDP J . 37.58 -0.54 4.30
N3A NDP J . 37.02 0.55 4.93
C4A NDP J . 36.94 1.63 4.12
O3 NDP J . 30.74 7.28 5.64
PN NDP J . 29.45 7.43 6.58
O1N NDP J . 29.75 7.25 8.03
O2N NDP J . 28.63 8.58 6.10
O5D NDP J . 28.51 6.19 6.28
C5D NDP J . 28.93 4.84 6.55
C4D NDP J . 27.72 3.95 6.29
O4D NDP J . 26.43 4.64 6.50
C3D NDP J . 27.65 3.28 4.92
O3D NDP J . 27.12 1.95 5.03
C2D NDP J . 26.72 4.26 4.23
O2D NDP J . 26.07 3.68 3.11
C1D NDP J . 25.67 4.50 5.33
N1N NDP J . 24.85 5.68 5.01
C2N NDP J . 25.31 7.02 5.22
C3N NDP J . 24.53 8.09 4.92
C7N NDP J . 24.94 9.54 5.13
O7N NDP J . 24.17 10.50 4.81
N7N NDP J . 26.19 9.81 5.69
C4N NDP J . 23.17 7.85 4.35
C5N NDP J . 22.75 6.44 4.16
C6N NDP J . 23.57 5.45 4.46
P2B NDP J . 39.04 4.81 5.91
O1X NDP J . 40.01 5.17 6.98
O2X NDP J . 39.30 3.42 5.39
O3X NDP J . 38.78 5.90 4.79
C1 S05 K . 10.36 -18.49 -7.06
C2 S05 K . 9.26 -17.76 -7.87
C3 S05 K . 9.77 -16.55 -8.70
C4 S05 K . 11.22 -16.13 -8.38
N5 S05 K . 12.12 -17.33 -8.25
C6 S05 K . 11.73 -18.28 -7.25
C13 S05 K . 12.65 -18.97 -6.44
C14 S05 K . 12.22 -19.88 -5.48
C15 S05 K . 10.86 -20.08 -5.28
C16 S05 K . 9.94 -19.39 -6.06
C21 S05 K . 13.07 -17.53 -9.23
O22 S05 K . 13.27 -16.62 -10.05
N23 S05 K . 13.79 -18.65 -9.34
C24 S05 K . 15.19 -18.71 -8.77
C25 S05 K . 16.21 -19.38 -9.71
C26 S05 K . 15.66 -20.58 -10.53
C27 S05 K . 14.22 -21.00 -10.12
C28 S05 K . 13.20 -19.84 -10.04
C38 S05 K . 15.72 -20.30 -12.04
N39 S05 K . 16.17 -21.18 -12.94
C40 S05 K . 16.07 -20.58 -14.14
N41 S05 K . 15.56 -19.37 -13.96
C42 S05 K . 15.34 -19.18 -12.67
PA NDP L . 17.26 -20.90 -18.66
O1A NDP L . 16.36 -21.92 -19.36
O2A NDP L . 18.36 -21.45 -17.74
O5B NDP L . 18.13 -19.99 -19.69
C5B NDP L . 19.30 -19.33 -19.21
C4B NDP L . 20.09 -18.94 -20.44
O4B NDP L . 21.30 -18.28 -20.06
C3B NDP L . 20.45 -20.09 -21.35
O3B NDP L . 20.33 -19.65 -22.71
C2B NDP L . 21.90 -20.35 -21.01
O2B NDP L . 22.54 -21.02 -22.10
C1B NDP L . 22.38 -18.89 -20.79
N9A NDP L . 23.58 -18.86 -19.99
C8A NDP L . 23.81 -19.60 -18.83
N7A NDP L . 24.99 -19.38 -18.31
C5A NDP L . 25.59 -18.49 -19.15
C6A NDP L . 26.86 -17.90 -19.13
N6A NDP L . 27.76 -18.20 -18.12
N1A NDP L . 27.22 -17.01 -20.13
C2A NDP L . 26.32 -16.74 -21.11
N3A NDP L . 25.04 -17.27 -21.23
C4A NDP L . 24.74 -18.13 -20.21
O3 NDP L . 16.46 -19.76 -17.77
PN NDP L . 15.10 -18.95 -17.94
O1N NDP L . 14.83 -18.67 -19.43
O2N NDP L . 14.04 -19.47 -16.95
O5D NDP L . 15.45 -17.49 -17.29
C5D NDP L . 15.90 -16.41 -18.08
C4D NDP L . 15.72 -15.15 -17.28
O4D NDP L . 14.37 -15.15 -16.76
C3D NDP L . 16.68 -14.91 -16.12
O3D NDP L . 17.05 -13.56 -16.01
C2D NDP L . 15.86 -15.40 -14.96
O2D NDP L . 16.17 -14.74 -13.74
C1D NDP L . 14.51 -14.89 -15.36
N1N NDP L . 13.50 -15.52 -14.50
C2N NDP L . 13.04 -16.84 -14.72
C3N NDP L . 12.11 -17.42 -13.93
C7N NDP L . 11.58 -18.78 -14.15
O7N NDP L . 10.75 -19.17 -13.36
N7N NDP L . 12.03 -19.54 -15.19
C4N NDP L . 11.57 -16.65 -12.76
C5N NDP L . 12.07 -15.24 -12.65
C6N NDP L . 12.98 -14.76 -13.44
P2B NDP L . 24.07 -21.62 -22.10
O1X NDP L . 24.17 -22.15 -23.53
O2X NDP L . 25.10 -20.56 -21.97
O3X NDP L . 24.03 -22.64 -20.96
#